data_7P4D
#
_entry.id   7P4D
#
_cell.length_a   197.076
_cell.length_b   197.076
_cell.length_c   102.149
_cell.angle_alpha   90.000
_cell.angle_beta   90.000
_cell.angle_gamma   120.000
#
_symmetry.space_group_name_H-M   'P 6 2 2'
#
loop_
_entity.id
_entity.type
_entity.pdbx_description
1 polymer 'Oligosaccharide 4-alpha-D-glucosyltransferase'
2 non-polymer 1,2-ETHANEDIOL
3 non-polymer 'TETRAETHYLENE GLYCOL'
4 non-polymer 'OXALATE ION'
5 non-polymer '[(1R,2R,3R,4R,5S)-2-(hydroxymethyl)-3,4,5-tris(oxidanyl)cyclohexyl]sulfamic acid'
6 non-polymer 'SULFATE ION'
7 water water
#
_entity_poly.entity_id   1
_entity_poly.type   'polypeptide(L)'
_entity_poly.pdbx_seq_one_letter_code
;MNPVKREIHPDAVFYKEHKLRNDGLVITTNQGNIRLQFKSEAAIEVLYRADSKQLPSFALAQPESAIKAQLTETENHLQF
SGGTLTARIQKRPFAISYYRDSELLLAEESGFQVNTDKINFRFYLSPGEKILGGGQRILGMDRRGQRFPLYNRAHYGYSD
HSGQMYFGLPAIMSSKQYILVFDNSASGAMDIGKTESDILQLEAKSGRSAYILVAGNSYPSLIENFTQVTGRQPLPPRWA
LGSFASRFGYRSEAETRATVQKYKTEDFPLDTIVLDLYWFGKDIKGHMGNLDWDKENFPTPLDMMADFKQQGVKTVLITE
PFVLTSSKRWDDAVKAKALAKDPQGQPKAFELYFGNGGIIDVFSKEGSRWFSSIYKDLSKQGVAGWWGDLGEPEMHPEDT
QHAIGDADTVHNAYGHRWAEMLYQQQLDQFPELRPFIMMRAGFVGSQRYGMIPWTGDVSRTWGGLASQVELALQMSLLGF
GYIHSDLGGFADGETLDKEMYIRWLQYGVFQPVYRPHGQDHIPSEPVFQDEETKAILRPLVKLRYRMLPYIYTAAYQNTL
TGMPLMRPLFFSDEKNPALIDNKTSYFWGDSLLVTPITQAGVESVSIPAPKGVWFDFWKDTRYQTDGAPLTLPTDLHTIP
VLVKAGAFMPYVPAVSTTEDYRSDSLEIHYYADASVPLAQGEIFEDDGKDPNSIKRNQFDLLTLQATHTDNQLHFQLART
GKGYRGMPERRATTLVIHNASDQYQHLDINGKTIAIAQADCASTPALACYDQERRQLQLVFTWGREALNLRLHKGGRADP
AFLYKVVINSKLEGKPIPNPLLGLDSTRTGHHHHHH
;
_entity_poly.pdbx_strand_id   AAA
#
loop_
_chem_comp.id
_chem_comp.type
_chem_comp.name
_chem_comp.formula
56I non-polymer '[(1R,2R,3R,4R,5S)-2-(hydroxymethyl)-3,4,5-tris(oxidanyl)cyclohexyl]sulfamic acid' 'C7 H15 N O7 S'
EDO non-polymer 1,2-ETHANEDIOL 'C2 H6 O2'
OXL non-polymer 'OXALATE ION' 'C2 O4 -2'
PG4 non-polymer 'TETRAETHYLENE GLYCOL' 'C8 H18 O5'
SO4 non-polymer 'SULFATE ION' 'O4 S -2'
#
# COMPACT_ATOMS: atom_id res chain seq x y z
N ALA A 12 22.36 7.66 -34.61
CA ALA A 12 21.95 7.25 -36.00
C ALA A 12 21.66 5.73 -36.03
N VAL A 13 20.37 5.35 -36.08
CA VAL A 13 19.89 3.95 -35.87
C VAL A 13 18.80 3.62 -36.91
N PHE A 14 18.79 2.37 -37.39
CA PHE A 14 17.86 1.91 -38.45
C PHE A 14 17.60 0.41 -38.30
N TYR A 15 16.33 0.03 -38.54
CA TYR A 15 15.83 -1.36 -38.77
C TYR A 15 16.82 -2.09 -39.69
N LYS A 16 17.22 -3.34 -39.38
CA LYS A 16 17.90 -4.23 -40.37
C LYS A 16 16.96 -5.37 -40.77
N GLU A 17 16.55 -6.23 -39.83
CA GLU A 17 15.59 -7.33 -40.09
C GLU A 17 14.86 -7.69 -38.77
N HIS A 18 14.08 -8.78 -38.76
CA HIS A 18 13.36 -9.30 -37.55
C HIS A 18 12.88 -10.74 -37.75
N LYS A 19 12.96 -11.58 -36.72
CA LYS A 19 12.27 -12.90 -36.69
C LYS A 19 11.25 -12.93 -35.54
N LEU A 20 10.45 -14.00 -35.48
CA LEU A 20 9.55 -14.36 -34.35
C LEU A 20 10.08 -15.63 -33.66
N ARG A 21 10.01 -15.66 -32.35
CA ARG A 21 10.52 -16.79 -31.53
C ARG A 21 9.70 -16.81 -30.24
N ASN A 22 8.87 -17.83 -30.04
CA ASN A 22 7.97 -17.98 -28.86
C ASN A 22 7.24 -16.65 -28.64
N ASP A 23 6.39 -16.28 -29.59
CA ASP A 23 5.51 -15.08 -29.55
C ASP A 23 6.35 -13.80 -29.35
N GLY A 24 7.68 -13.95 -29.29
CA GLY A 24 8.65 -12.84 -29.11
C GLY A 24 9.25 -12.35 -30.42
N LEU A 25 9.06 -11.07 -30.73
CA LEU A 25 9.71 -10.34 -31.85
C LEU A 25 11.16 -10.01 -31.49
N VAL A 26 12.12 -10.52 -32.29
CA VAL A 26 13.56 -10.16 -32.21
C VAL A 26 13.91 -9.32 -33.44
N ILE A 27 14.12 -8.03 -33.22
CA ILE A 27 14.48 -7.01 -34.24
C ILE A 27 16.01 -6.87 -34.23
N THR A 28 16.64 -6.71 -35.40
CA THR A 28 18.08 -6.34 -35.54
C THR A 28 18.20 -4.95 -36.16
N THR A 29 18.89 -4.03 -35.48
CA THR A 29 19.30 -2.71 -36.05
C THR A 29 20.79 -2.80 -36.44
N ASN A 30 21.32 -1.69 -36.94
CA ASN A 30 22.78 -1.45 -37.12
C ASN A 30 23.54 -1.73 -35.81
N GLN A 31 22.96 -1.48 -34.63
CA GLN A 31 23.72 -1.47 -33.34
C GLN A 31 23.38 -2.67 -32.43
N GLY A 32 22.33 -3.45 -32.71
CA GLY A 32 22.17 -4.79 -32.10
C GLY A 32 20.74 -5.29 -32.11
N ASN A 33 20.43 -6.15 -31.13
CA ASN A 33 19.14 -6.88 -31.00
C ASN A 33 18.23 -6.19 -29.97
N ILE A 34 16.91 -6.26 -30.21
CA ILE A 34 15.83 -5.75 -29.33
C ILE A 34 14.75 -6.86 -29.25
N ARG A 35 14.47 -7.39 -28.05
CA ARG A 35 13.43 -8.43 -27.83
C ARG A 35 12.15 -7.78 -27.28
N LEU A 36 11.04 -7.92 -28.00
CA LEU A 36 9.70 -7.43 -27.59
C LEU A 36 8.84 -8.64 -27.23
N GLN A 37 8.36 -8.68 -25.99
CA GLN A 37 7.41 -9.71 -25.49
C GLN A 37 6.26 -9.05 -24.75
N PHE A 38 5.05 -9.30 -25.24
CA PHE A 38 3.81 -8.94 -24.53
C PHE A 38 3.76 -9.84 -23.28
N LYS A 39 3.69 -9.23 -22.10
CA LYS A 39 3.56 -9.99 -20.83
C LYS A 39 2.06 -10.19 -20.56
N SER A 40 1.26 -9.43 -21.29
CA SER A 40 -0.22 -9.47 -21.32
C SER A 40 -0.67 -8.68 -22.55
N GLU A 41 -1.98 -8.50 -22.74
CA GLU A 41 -2.54 -7.80 -23.91
C GLU A 41 -2.40 -6.28 -23.79
N ALA A 42 -1.98 -5.75 -22.62
CA ALA A 42 -1.88 -4.30 -22.36
C ALA A 42 -0.50 -3.93 -21.82
N ALA A 43 0.45 -4.86 -21.89
CA ALA A 43 1.79 -4.71 -21.28
C ALA A 43 2.86 -5.39 -22.15
N ILE A 44 3.93 -4.65 -22.43
CA ILE A 44 5.07 -5.12 -23.26
C ILE A 44 6.41 -4.80 -22.57
N GLU A 45 7.26 -5.82 -22.51
CA GLU A 45 8.71 -5.74 -22.19
C GLU A 45 9.50 -5.51 -23.49
N VAL A 46 10.13 -4.33 -23.61
CA VAL A 46 11.13 -3.94 -24.66
C VAL A 46 12.56 -4.07 -24.07
N LEU A 47 13.22 -5.20 -24.31
CA LEU A 47 14.64 -5.45 -23.95
C LEU A 47 15.57 -5.03 -25.13
N TYR A 48 16.36 -3.97 -24.96
CA TYR A 48 17.52 -3.62 -25.84
C TYR A 48 18.71 -4.48 -25.40
N ARG A 49 19.79 -4.50 -26.20
CA ARG A 49 21.00 -5.36 -26.04
C ARG A 49 20.61 -6.82 -25.76
N ALA A 50 19.51 -7.31 -26.34
CA ALA A 50 18.95 -8.66 -26.04
C ALA A 50 19.97 -9.78 -26.27
N ASP A 51 20.91 -9.59 -27.18
CA ASP A 51 21.97 -10.58 -27.56
C ASP A 51 22.84 -10.91 -26.33
N SER A 52 23.09 -9.92 -25.46
CA SER A 52 24.12 -9.90 -24.39
C SER A 52 23.56 -10.35 -23.04
N LYS A 53 24.43 -10.87 -22.16
CA LYS A 53 24.11 -11.28 -20.77
C LYS A 53 23.88 -10.05 -19.88
N GLN A 54 22.69 -9.96 -19.29
CA GLN A 54 22.20 -8.83 -18.45
C GLN A 54 21.70 -9.38 -17.11
N LEU A 55 21.48 -8.53 -16.11
CA LEU A 55 20.74 -8.93 -14.89
C LEU A 55 19.33 -9.32 -15.33
N PRO A 56 18.67 -10.27 -14.64
CA PRO A 56 17.28 -10.60 -14.97
C PRO A 56 16.29 -9.47 -14.64
N SER A 57 15.05 -9.64 -15.11
CA SER A 57 13.95 -8.72 -14.70
C SER A 57 13.82 -8.80 -13.19
N PHE A 58 13.49 -7.68 -12.55
CA PHE A 58 13.09 -7.67 -11.12
C PHE A 58 11.60 -7.36 -11.03
N ALA A 59 11.11 -6.52 -11.94
CA ALA A 59 9.75 -5.93 -11.93
C ALA A 59 8.69 -6.98 -12.29
N LEU A 60 9.02 -7.94 -13.13
CA LEU A 60 8.01 -8.87 -13.71
C LEU A 60 7.79 -10.01 -12.75
N ALA A 61 6.52 -10.27 -12.46
CA ALA A 61 6.08 -11.45 -11.70
C ALA A 61 6.38 -12.73 -12.51
N GLN A 62 6.16 -12.72 -13.83
CA GLN A 62 6.53 -13.87 -14.71
C GLN A 62 7.47 -13.39 -15.83
N PRO A 63 8.78 -13.29 -15.52
CA PRO A 63 9.78 -12.85 -16.49
C PRO A 63 9.75 -13.59 -17.84
N GLU A 64 9.60 -14.92 -17.79
CA GLU A 64 9.74 -15.81 -18.98
C GLU A 64 8.42 -15.93 -19.74
N SER A 65 7.38 -15.20 -19.37
CA SER A 65 6.07 -15.26 -20.07
C SER A 65 6.11 -14.38 -21.33
N ALA A 66 5.36 -14.76 -22.36
CA ALA A 66 5.07 -13.98 -23.60
C ALA A 66 3.84 -14.56 -24.27
N ILE A 67 2.85 -13.71 -24.57
CA ILE A 67 1.54 -14.16 -25.11
C ILE A 67 1.52 -13.92 -26.62
N LYS A 68 0.74 -14.72 -27.35
CA LYS A 68 0.56 -14.57 -28.82
C LYS A 68 0.11 -13.14 -29.12
N ALA A 69 0.92 -12.41 -29.89
CA ALA A 69 0.59 -11.09 -30.48
C ALA A 69 0.49 -11.23 -32.00
N GLN A 70 -0.04 -10.20 -32.65
CA GLN A 70 -0.20 -10.13 -34.12
C GLN A 70 0.86 -9.14 -34.65
N LEU A 71 1.57 -9.54 -35.72
CA LEU A 71 2.67 -8.78 -36.38
C LEU A 71 2.29 -8.45 -37.83
N THR A 72 2.21 -7.17 -38.20
CA THR A 72 1.97 -6.70 -39.60
C THR A 72 3.14 -5.78 -40.03
N GLU A 73 3.78 -6.10 -41.16
CA GLU A 73 4.92 -5.36 -41.77
C GLU A 73 4.39 -4.45 -42.88
N THR A 74 4.76 -3.16 -42.88
CA THR A 74 4.47 -2.19 -43.97
C THR A 74 5.81 -1.75 -44.58
N GLU A 75 5.80 -0.61 -45.27
CA GLU A 75 6.96 -0.04 -46.01
C GLU A 75 7.97 0.49 -44.98
N ASN A 76 7.57 1.48 -44.17
CA ASN A 76 8.47 2.25 -43.26
C ASN A 76 8.26 1.83 -41.79
N HIS A 77 7.33 0.91 -41.50
CA HIS A 77 6.93 0.55 -40.12
C HIS A 77 6.73 -0.96 -40.00
N LEU A 78 6.86 -1.49 -38.79
CA LEU A 78 6.18 -2.71 -38.28
C LEU A 78 5.06 -2.30 -37.32
N GLN A 79 4.13 -3.23 -37.04
CA GLN A 79 3.10 -3.12 -35.98
C GLN A 79 3.04 -4.45 -35.24
N PHE A 80 3.27 -4.42 -33.92
CA PHE A 80 3.22 -5.55 -32.99
C PHE A 80 2.17 -5.25 -31.92
N SER A 81 1.02 -5.93 -32.00
CA SER A 81 -0.17 -5.67 -31.15
C SER A 81 -0.51 -6.91 -30.30
N GLY A 82 -0.90 -6.64 -29.06
CA GLY A 82 -1.29 -7.67 -28.07
C GLY A 82 -2.79 -7.78 -27.94
N GLY A 83 -3.56 -6.74 -28.29
CA GLY A 83 -4.99 -6.68 -27.96
C GLY A 83 -5.42 -5.29 -27.56
N THR A 84 -4.87 -4.75 -26.47
CA THR A 84 -5.12 -3.35 -26.05
C THR A 84 -3.92 -2.50 -26.53
N LEU A 85 -2.71 -3.03 -26.35
CA LEU A 85 -1.44 -2.30 -26.56
C LEU A 85 -0.82 -2.69 -27.91
N THR A 86 -0.49 -1.63 -28.68
CA THR A 86 0.20 -1.65 -30.01
C THR A 86 1.55 -0.92 -29.93
N ALA A 87 2.63 -1.67 -30.18
CA ALA A 87 4.00 -1.20 -30.46
C ALA A 87 4.17 -0.92 -31.96
N ARG A 88 4.30 0.36 -32.36
CA ARG A 88 4.55 0.78 -33.77
C ARG A 88 6.04 1.09 -33.94
N ILE A 89 6.73 0.29 -34.75
CA ILE A 89 8.22 0.24 -34.93
C ILE A 89 8.62 0.90 -36.27
N GLN A 90 8.81 2.24 -36.29
CA GLN A 90 9.34 3.04 -37.44
C GLN A 90 10.76 2.53 -37.76
N LYS A 91 11.02 2.19 -39.03
CA LYS A 91 12.27 1.49 -39.44
C LYS A 91 13.44 2.50 -39.48
N ARG A 92 13.25 3.70 -40.04
CA ARG A 92 14.33 4.70 -40.29
C ARG A 92 13.77 6.12 -40.19
N PRO A 93 14.27 6.99 -39.27
CA PRO A 93 15.13 6.57 -38.17
C PRO A 93 14.38 5.56 -37.27
N PHE A 94 15.12 4.67 -36.59
CA PHE A 94 14.54 3.66 -35.68
C PHE A 94 13.92 4.34 -34.44
N ALA A 95 12.64 4.08 -34.19
CA ALA A 95 11.82 4.72 -33.13
C ALA A 95 10.57 3.88 -32.88
N ILE A 96 10.39 3.40 -31.65
CA ILE A 96 9.14 2.69 -31.25
C ILE A 96 8.23 3.72 -30.60
N SER A 97 6.98 3.74 -31.04
CA SER A 97 5.90 4.44 -30.31
C SER A 97 4.87 3.39 -29.84
N TYR A 98 3.90 3.83 -29.04
CA TYR A 98 2.96 2.95 -28.32
C TYR A 98 1.57 3.55 -28.39
N TYR A 99 0.62 2.73 -28.87
CA TYR A 99 -0.81 3.07 -29.07
C TYR A 99 -1.68 2.12 -28.24
N ARG A 100 -2.67 2.70 -27.56
CA ARG A 100 -3.89 2.01 -27.05
C ARG A 100 -4.95 2.24 -28.12
N ASP A 101 -5.29 1.18 -28.88
CA ASP A 101 -6.04 1.25 -30.16
C ASP A 101 -5.18 2.04 -31.16
N SER A 102 -5.62 3.27 -31.51
CA SER A 102 -4.84 4.25 -32.31
C SER A 102 -4.59 5.53 -31.50
N GLU A 103 -4.76 5.49 -30.17
CA GLU A 103 -4.38 6.64 -29.29
C GLU A 103 -2.89 6.53 -29.00
N LEU A 104 -2.10 7.53 -29.39
CA LEU A 104 -0.63 7.58 -29.16
C LEU A 104 -0.40 7.83 -27.68
N LEU A 105 0.29 6.90 -27.01
CA LEU A 105 0.61 7.01 -25.57
C LEU A 105 1.98 7.68 -25.42
N LEU A 106 3.01 6.96 -25.87
CA LEU A 106 4.45 7.25 -25.66
C LEU A 106 5.21 6.97 -26.97
N ALA A 107 6.03 7.92 -27.42
CA ALA A 107 6.99 7.78 -28.55
C ALA A 107 8.41 8.03 -28.07
N GLU A 108 9.28 7.02 -28.23
CA GLU A 108 10.74 7.21 -28.29
C GLU A 108 11.14 8.47 -29.09
N GLU A 109 12.20 9.14 -28.63
CA GLU A 109 12.96 10.15 -29.41
C GLU A 109 14.17 9.39 -29.94
N SER A 110 15.35 9.61 -29.34
CA SER A 110 16.58 8.81 -29.59
C SER A 110 16.34 7.35 -29.20
N GLY A 111 15.32 7.11 -28.38
CA GLY A 111 15.13 5.83 -27.69
C GLY A 111 16.35 5.50 -26.85
N PHE A 112 16.91 4.31 -27.05
CA PHE A 112 18.10 3.75 -26.37
C PHE A 112 19.41 4.36 -26.90
N GLN A 113 20.27 4.90 -26.04
CA GLN A 113 21.68 5.23 -26.39
C GLN A 113 22.62 4.51 -25.43
N VAL A 114 23.64 3.83 -25.98
CA VAL A 114 24.68 3.07 -25.24
C VAL A 114 25.98 3.91 -25.22
N LYS A 118 27.32 3.55 -19.76
CA LYS A 118 26.07 4.08 -19.14
C LYS A 118 24.90 3.82 -20.08
N ILE A 119 23.78 3.36 -19.52
CA ILE A 119 22.49 3.09 -20.20
C ILE A 119 21.66 4.36 -20.22
N ASN A 120 20.99 4.61 -21.34
CA ASN A 120 20.16 5.82 -21.54
C ASN A 120 18.92 5.44 -22.36
N PHE A 121 17.76 6.05 -22.06
CA PHE A 121 16.51 5.95 -22.85
C PHE A 121 15.88 7.35 -22.94
N ARG A 122 15.48 7.75 -24.15
CA ARG A 122 14.89 9.08 -24.39
C ARG A 122 13.53 8.88 -25.08
N PHE A 123 12.52 9.64 -24.66
CA PHE A 123 11.15 9.61 -25.21
C PHE A 123 10.62 11.03 -25.24
N TYR A 124 9.67 11.32 -26.13
CA TYR A 124 8.97 12.62 -26.20
C TYR A 124 7.93 12.68 -25.08
N LEU A 125 7.64 13.87 -24.59
CA LEU A 125 6.44 14.17 -23.78
C LEU A 125 5.50 15.03 -24.62
N SER A 126 4.20 14.77 -24.56
CA SER A 126 3.16 15.53 -25.29
C SER A 126 2.96 16.83 -24.53
N PRO A 127 2.53 17.92 -25.18
CA PRO A 127 2.25 19.15 -24.44
C PRO A 127 1.09 18.88 -23.47
N GLY A 128 1.21 19.38 -22.24
CA GLY A 128 0.16 19.29 -21.20
C GLY A 128 0.05 17.90 -20.59
N GLU A 129 0.82 16.92 -21.06
CA GLU A 129 0.98 15.62 -20.36
C GLU A 129 1.50 15.88 -18.94
N LYS A 130 0.79 15.34 -17.93
CA LYS A 130 1.16 15.33 -16.49
C LYS A 130 1.75 13.96 -16.15
N ILE A 131 2.82 13.94 -15.34
CA ILE A 131 3.61 12.72 -15.05
C ILE A 131 3.79 12.57 -13.53
N LEU A 132 3.00 11.66 -12.94
CA LEU A 132 3.25 11.07 -11.59
C LEU A 132 4.37 10.06 -11.70
N GLY A 133 5.06 9.79 -10.59
CA GLY A 133 6.03 8.69 -10.50
C GLY A 133 7.28 9.03 -9.71
N GLY A 134 8.24 8.11 -9.74
CA GLY A 134 9.52 8.22 -9.05
C GLY A 134 9.47 7.65 -7.65
N GLY A 135 8.29 7.19 -7.21
CA GLY A 135 8.10 6.69 -5.83
C GLY A 135 8.17 7.83 -4.84
N GLN A 136 8.85 7.63 -3.73
CA GLN A 136 8.93 8.66 -2.68
C GLN A 136 9.81 9.82 -3.15
N ARG A 137 9.15 10.93 -3.43
CA ARG A 137 9.70 12.31 -3.50
C ARG A 137 8.65 13.23 -2.90
N ILE A 138 9.09 14.38 -2.38
CA ILE A 138 8.15 15.46 -2.02
C ILE A 138 8.41 16.63 -2.96
N LEU A 139 7.75 16.61 -4.11
CA LEU A 139 8.03 17.54 -5.24
C LEU A 139 6.75 18.11 -5.86
N GLY A 140 5.58 17.59 -5.48
CA GLY A 140 4.30 17.83 -6.18
C GLY A 140 3.90 16.57 -6.93
N MET A 141 2.59 16.35 -7.08
CA MET A 141 2.07 15.09 -7.63
C MET A 141 2.56 14.92 -9.07
N ASP A 142 2.45 15.99 -9.88
CA ASP A 142 2.98 16.01 -11.29
C ASP A 142 4.49 16.23 -11.21
N ARG A 143 5.31 15.21 -11.46
CA ARG A 143 6.79 15.36 -11.31
C ARG A 143 7.41 15.88 -12.62
N ARG A 144 6.60 16.20 -13.63
CA ARG A 144 7.08 16.84 -14.88
C ARG A 144 7.81 18.14 -14.51
N GLY A 145 8.96 18.37 -15.13
CA GLY A 145 9.78 19.54 -14.81
C GLY A 145 10.81 19.21 -13.73
N GLN A 146 10.85 17.96 -13.26
CA GLN A 146 11.83 17.49 -12.24
C GLN A 146 12.81 16.46 -12.81
N ARG A 147 13.99 16.44 -12.22
CA ARG A 147 15.08 15.48 -12.49
C ARG A 147 15.54 15.01 -11.12
N PHE A 148 15.79 13.72 -10.93
CA PHE A 148 16.20 13.18 -9.62
C PHE A 148 16.86 11.82 -9.80
N PRO A 149 17.71 11.40 -8.86
CA PRO A 149 18.37 10.10 -8.96
C PRO A 149 17.41 8.93 -8.66
N LEU A 150 17.78 7.78 -9.23
CA LEU A 150 17.29 6.43 -8.88
C LEU A 150 18.36 5.78 -8.03
N TYR A 151 18.37 6.12 -6.75
CA TYR A 151 19.32 5.54 -5.79
C TYR A 151 18.69 5.62 -4.41
N ASN A 152 18.13 4.49 -3.96
CA ASN A 152 17.50 4.38 -2.63
C ASN A 152 18.51 4.86 -1.58
N ARG A 153 18.08 5.83 -0.77
CA ARG A 153 18.93 6.47 0.24
C ARG A 153 18.07 7.09 1.35
N ALA A 154 18.59 7.10 2.57
CA ALA A 154 17.93 7.76 3.73
C ALA A 154 17.75 9.24 3.47
N HIS A 155 16.62 9.79 3.93
CA HIS A 155 16.44 11.25 4.11
C HIS A 155 15.94 11.49 5.53
N TYR A 156 16.81 11.24 6.50
CA TYR A 156 16.49 11.41 7.94
C TYR A 156 15.89 12.80 8.16
N GLY A 157 14.74 12.86 8.82
CA GLY A 157 14.21 14.12 9.36
C GLY A 157 13.65 15.01 8.27
N TYR A 158 13.27 14.44 7.12
CA TYR A 158 12.63 15.19 6.03
C TYR A 158 11.34 15.82 6.56
N SER A 159 10.88 16.87 5.87
N SER A 159 10.88 16.85 5.87
CA SER A 159 9.69 17.67 6.23
CA SER A 159 9.61 17.56 6.17
C SER A 159 8.84 17.86 4.98
C SER A 159 8.86 17.79 4.86
N ASP A 160 9.06 18.95 4.24
CA ASP A 160 8.16 19.42 3.15
C ASP A 160 8.84 19.33 1.78
N HIS A 161 10.00 18.69 1.67
CA HIS A 161 10.73 18.63 0.38
C HIS A 161 11.72 17.47 0.35
N SER A 162 11.77 16.75 -0.75
CA SER A 162 12.77 15.69 -0.98
C SER A 162 12.81 15.28 -2.46
N GLY A 163 14.02 15.25 -3.02
CA GLY A 163 14.28 14.67 -4.35
C GLY A 163 14.74 13.23 -4.30
N GLN A 164 14.98 12.67 -3.12
CA GLN A 164 15.65 11.36 -3.01
C GLN A 164 15.42 10.83 -1.60
N MET A 165 14.70 9.71 -1.46
CA MET A 165 14.42 9.10 -0.14
C MET A 165 14.62 7.60 -0.20
N TYR A 166 14.11 6.93 0.82
CA TYR A 166 14.23 5.48 1.08
C TYR A 166 13.82 4.62 -0.12
N PHE A 167 12.70 4.95 -0.76
CA PHE A 167 12.02 4.02 -1.69
C PHE A 167 11.64 4.78 -2.97
N GLY A 168 12.62 4.87 -3.85
CA GLY A 168 12.35 5.30 -5.22
C GLY A 168 11.80 4.11 -6.00
N LEU A 169 11.07 4.42 -7.03
CA LEU A 169 10.65 3.44 -8.06
C LEU A 169 11.04 4.01 -9.43
N PRO A 170 11.64 3.17 -10.28
CA PRO A 170 11.98 3.55 -11.64
C PRO A 170 10.77 3.44 -12.55
N ALA A 171 9.72 4.22 -12.28
CA ALA A 171 8.43 4.08 -12.97
C ALA A 171 7.66 5.39 -12.94
N ILE A 172 6.85 5.59 -13.96
CA ILE A 172 5.95 6.76 -14.01
C ILE A 172 4.52 6.33 -14.43
N MET A 173 3.58 7.23 -14.18
CA MET A 173 2.17 7.09 -14.58
C MET A 173 1.81 8.40 -15.26
N SER A 174 1.37 8.33 -16.52
CA SER A 174 0.97 9.51 -17.32
C SER A 174 -0.56 9.74 -17.28
N SER A 175 -0.98 11.00 -17.36
CA SER A 175 -2.36 11.46 -17.64
C SER A 175 -2.87 10.88 -18.98
N LYS A 176 -1.99 10.30 -19.80
CA LYS A 176 -2.36 9.54 -21.03
C LYS A 176 -2.81 8.16 -20.63
N GLN A 177 -2.67 7.82 -19.36
CA GLN A 177 -3.06 6.52 -18.75
C GLN A 177 -2.21 5.41 -19.36
N TYR A 178 -0.89 5.57 -19.26
CA TYR A 178 0.10 4.47 -19.31
C TYR A 178 0.98 4.53 -18.05
N ILE A 179 1.62 3.41 -17.78
CA ILE A 179 2.72 3.30 -16.79
C ILE A 179 3.91 2.80 -17.59
N LEU A 180 5.07 3.44 -17.38
CA LEU A 180 6.39 3.04 -17.93
C LEU A 180 7.30 2.64 -16.78
N VAL A 181 7.89 1.46 -16.88
CA VAL A 181 8.86 0.95 -15.88
C VAL A 181 10.24 0.81 -16.54
N PHE A 182 11.25 1.44 -15.92
CA PHE A 182 12.67 1.17 -16.21
C PHE A 182 13.09 -0.02 -15.35
N ASP A 183 13.20 -1.20 -15.97
CA ASP A 183 13.40 -2.51 -15.29
C ASP A 183 14.88 -2.72 -15.02
N ASN A 184 15.42 -1.83 -14.20
CA ASN A 184 16.86 -1.68 -13.96
C ASN A 184 17.07 -1.36 -12.48
N SER A 185 17.96 -2.09 -11.84
CA SER A 185 18.24 -2.09 -10.39
C SER A 185 19.36 -1.12 -10.01
N ALA A 186 20.00 -0.46 -10.97
CA ALA A 186 21.31 0.20 -10.71
C ALA A 186 21.09 1.64 -10.32
N SER A 187 22.12 2.22 -9.70
CA SER A 187 22.29 3.68 -9.56
C SER A 187 21.98 4.39 -10.90
N GLY A 188 21.10 5.39 -10.89
CA GLY A 188 20.52 5.97 -12.11
C GLY A 188 19.88 7.31 -11.88
N ALA A 189 19.13 7.79 -12.85
CA ALA A 189 18.44 9.09 -12.76
C ALA A 189 17.20 9.04 -13.64
N MET A 190 16.26 9.93 -13.35
CA MET A 190 15.07 10.20 -14.17
C MET A 190 15.04 11.69 -14.48
N ASP A 191 14.92 12.05 -15.76
CA ASP A 191 14.76 13.45 -16.19
C ASP A 191 13.39 13.54 -16.86
N ILE A 192 12.44 14.21 -16.22
CA ILE A 192 11.02 14.30 -16.70
C ILE A 192 10.82 15.67 -17.35
N GLY A 193 11.40 15.87 -18.54
CA GLY A 193 11.27 17.14 -19.29
C GLY A 193 11.73 18.32 -18.46
N LYS A 194 12.77 18.10 -17.66
CA LYS A 194 13.47 19.15 -16.89
C LYS A 194 14.49 19.84 -17.80
N THR A 195 15.52 19.09 -18.21
CA THR A 195 16.65 19.52 -19.06
C THR A 195 16.08 19.95 -20.41
N GLU A 196 15.28 19.07 -21.02
CA GLU A 196 14.63 19.27 -22.33
C GLU A 196 13.11 19.22 -22.15
N SER A 197 12.45 20.37 -22.20
CA SER A 197 11.02 20.56 -21.83
C SER A 197 10.16 19.38 -22.35
N ASP A 198 10.50 18.84 -23.52
CA ASP A 198 9.69 17.79 -24.18
C ASP A 198 10.43 16.45 -24.21
N ILE A 199 11.43 16.21 -23.36
CA ILE A 199 12.06 14.86 -23.28
C ILE A 199 11.94 14.28 -21.87
N LEU A 200 11.56 13.01 -21.81
CA LEU A 200 11.71 12.15 -20.61
C LEU A 200 12.91 11.27 -20.87
N GLN A 201 13.84 11.20 -19.92
CA GLN A 201 15.09 10.45 -20.07
C GLN A 201 15.33 9.58 -18.82
N LEU A 202 15.64 8.31 -19.05
CA LEU A 202 16.02 7.30 -18.02
C LEU A 202 17.49 6.91 -18.23
N GLU A 203 18.33 7.03 -17.18
CA GLU A 203 19.75 6.60 -17.21
C GLU A 203 20.04 5.67 -16.03
N ALA A 204 21.05 4.84 -16.24
CA ALA A 204 21.59 3.97 -15.18
C ALA A 204 23.09 3.83 -15.49
N LYS A 205 23.90 3.69 -14.46
CA LYS A 205 25.36 3.51 -14.64
C LYS A 205 25.63 2.09 -15.09
N SER A 206 24.63 1.22 -15.01
CA SER A 206 24.79 -0.22 -15.30
C SER A 206 23.44 -0.92 -15.26
N GLY A 207 23.44 -2.25 -15.24
CA GLY A 207 22.24 -3.10 -15.11
C GLY A 207 21.51 -3.31 -16.43
N ARG A 208 20.28 -3.82 -16.36
CA ARG A 208 19.48 -4.32 -17.51
C ARG A 208 19.00 -3.14 -18.36
N SER A 209 19.05 -3.24 -19.70
CA SER A 209 18.55 -2.21 -20.66
C SER A 209 17.18 -2.63 -21.16
N ALA A 210 16.14 -2.39 -20.36
CA ALA A 210 14.75 -2.89 -20.54
C ALA A 210 13.77 -1.86 -19.98
N TYR A 211 12.71 -1.58 -20.72
CA TYR A 211 11.56 -0.85 -20.18
C TYR A 211 10.30 -1.70 -20.39
N ILE A 212 9.23 -1.34 -19.67
CA ILE A 212 7.91 -2.02 -19.70
C ILE A 212 6.87 -0.91 -19.86
N LEU A 213 6.01 -1.02 -20.88
CA LEU A 213 4.89 -0.08 -21.06
C LEU A 213 3.61 -0.85 -20.70
N VAL A 214 2.72 -0.22 -19.93
CA VAL A 214 1.39 -0.77 -19.59
C VAL A 214 0.35 0.29 -19.92
N ALA A 215 -0.73 -0.09 -20.60
CA ALA A 215 -1.86 0.80 -20.92
C ALA A 215 -3.11 0.36 -20.15
N GLY A 216 -4.06 1.29 -20.01
CA GLY A 216 -5.43 0.99 -19.55
C GLY A 216 -6.41 2.01 -20.10
N ASN A 217 -7.70 1.67 -20.05
CA ASN A 217 -8.84 2.52 -20.48
C ASN A 217 -9.16 3.50 -19.36
N SER A 218 -8.67 3.22 -18.15
CA SER A 218 -8.93 4.03 -16.93
C SER A 218 -7.79 3.81 -15.93
N TYR A 219 -7.73 4.68 -14.95
CA TYR A 219 -6.62 4.56 -13.95
C TYR A 219 -6.81 3.23 -13.23
N PRO A 220 -8.04 2.80 -12.86
CA PRO A 220 -8.19 1.50 -12.20
C PRO A 220 -7.75 0.33 -13.08
N SER A 221 -8.10 0.33 -14.36
CA SER A 221 -7.76 -0.83 -15.23
C SER A 221 -6.26 -0.73 -15.56
N LEU A 222 -5.68 0.49 -15.59
CA LEU A 222 -4.20 0.63 -15.75
C LEU A 222 -3.52 -0.08 -14.58
N ILE A 223 -3.94 0.23 -13.35
CA ILE A 223 -3.35 -0.39 -12.13
C ILE A 223 -3.60 -1.89 -12.13
N GLU A 224 -4.77 -2.36 -12.56
CA GLU A 224 -5.06 -3.81 -12.64
C GLU A 224 -4.08 -4.45 -13.63
N ASN A 225 -3.89 -3.77 -14.77
CA ASN A 225 -2.96 -4.22 -15.84
C ASN A 225 -1.52 -4.24 -15.29
N PHE A 226 -1.13 -3.19 -14.58
CA PHE A 226 0.24 -3.09 -14.01
C PHE A 226 0.46 -4.21 -13.01
N THR A 227 -0.46 -4.41 -12.05
CA THR A 227 -0.24 -5.41 -10.98
C THR A 227 -0.34 -6.81 -11.58
N GLN A 228 -1.11 -6.97 -12.65
CA GLN A 228 -1.17 -8.28 -13.33
C GLN A 228 0.23 -8.75 -13.68
N VAL A 229 1.08 -7.89 -14.25
CA VAL A 229 2.41 -8.31 -14.80
C VAL A 229 3.53 -8.07 -13.79
N THR A 230 3.39 -7.15 -12.82
CA THR A 230 4.44 -6.89 -11.78
C THR A 230 4.19 -7.65 -10.49
N GLY A 231 2.93 -8.00 -10.18
CA GLY A 231 2.60 -8.80 -8.98
C GLY A 231 1.44 -8.19 -8.19
N ARG A 232 0.56 -9.06 -7.73
CA ARG A 232 -0.57 -8.70 -6.84
C ARG A 232 -0.11 -8.94 -5.40
N GLN A 233 -0.33 -7.98 -4.52
CA GLN A 233 -0.07 -8.17 -3.08
C GLN A 233 -0.99 -9.28 -2.56
N PRO A 234 -0.42 -10.32 -1.91
CA PRO A 234 -1.23 -11.32 -1.22
C PRO A 234 -1.93 -10.62 -0.04
N LEU A 235 -3.19 -10.99 0.20
CA LEU A 235 -3.91 -10.44 1.39
C LEU A 235 -3.02 -10.55 2.61
N PRO A 236 -2.68 -9.45 3.29
CA PRO A 236 -2.01 -9.52 4.57
C PRO A 236 -2.92 -10.17 5.62
N PRO A 237 -2.35 -10.60 6.75
CA PRO A 237 -3.15 -11.10 7.86
C PRO A 237 -4.03 -9.93 8.33
N ARG A 238 -5.26 -10.21 8.71
CA ARG A 238 -6.18 -9.12 9.13
C ARG A 238 -5.52 -8.33 10.29
N TRP A 239 -4.74 -8.95 11.13
CA TRP A 239 -4.05 -8.22 12.23
C TRP A 239 -3.17 -7.07 11.70
N ALA A 240 -2.76 -7.05 10.42
CA ALA A 240 -1.96 -5.95 9.88
C ALA A 240 -2.80 -4.66 9.85
N LEU A 241 -4.13 -4.79 9.93
CA LEU A 241 -5.09 -3.65 9.92
C LEU A 241 -5.38 -3.16 11.33
N GLY A 242 -4.76 -3.74 12.34
CA GLY A 242 -5.00 -3.35 13.72
C GLY A 242 -4.04 -2.29 14.22
N SER A 243 -4.07 -2.12 15.53
CA SER A 243 -3.30 -1.15 16.34
C SER A 243 -1.94 -1.76 16.70
N PHE A 244 -0.88 -1.02 16.40
CA PHE A 244 0.52 -1.37 16.74
C PHE A 244 1.00 -0.44 17.85
N ALA A 245 1.59 -1.06 18.84
CA ALA A 245 2.48 -0.45 19.84
C ALA A 245 3.92 -0.46 19.26
N SER A 246 4.48 0.73 19.06
CA SER A 246 5.87 0.86 18.54
C SER A 246 6.52 2.15 19.04
N ARG A 247 7.82 2.04 19.30
CA ARG A 247 8.73 3.16 19.55
C ARG A 247 10.14 2.72 19.14
N PHE A 248 11.03 3.69 19.00
CA PHE A 248 12.50 3.43 18.94
C PHE A 248 13.05 3.85 20.29
N GLY A 249 13.09 2.95 21.28
CA GLY A 249 12.72 1.54 21.21
C GLY A 249 12.42 1.01 22.61
N TYR A 250 11.64 -0.07 22.77
CA TYR A 250 11.45 -0.73 24.10
C TYR A 250 12.83 -1.21 24.56
N ARG A 251 13.27 -0.90 25.80
CA ARG A 251 14.65 -1.19 26.27
C ARG A 251 14.72 -2.58 26.91
N SER A 252 13.59 -3.14 27.29
CA SER A 252 13.56 -4.33 28.14
C SER A 252 12.25 -5.09 27.94
N GLU A 253 12.30 -6.37 28.31
CA GLU A 253 11.11 -7.24 28.43
C GLU A 253 10.11 -6.55 29.36
N ALA A 254 10.55 -6.06 30.52
CA ALA A 254 9.66 -5.37 31.51
C ALA A 254 8.95 -4.21 30.82
N GLU A 255 9.69 -3.39 30.08
CA GLU A 255 9.09 -2.18 29.45
C GLU A 255 8.12 -2.63 28.34
N THR A 256 8.44 -3.69 27.61
CA THR A 256 7.56 -4.19 26.53
C THR A 256 6.26 -4.73 27.19
N ARG A 257 6.38 -5.57 28.20
CA ARG A 257 5.20 -6.10 28.93
C ARG A 257 4.40 -4.92 29.50
N ALA A 258 5.07 -3.89 30.05
CA ALA A 258 4.39 -2.71 30.66
C ALA A 258 3.63 -1.93 29.59
N THR A 259 4.10 -1.91 28.34
CA THR A 259 3.38 -1.21 27.26
C THR A 259 2.11 -2.01 26.89
N VAL A 260 2.23 -3.32 26.70
CA VAL A 260 1.04 -4.16 26.39
C VAL A 260 0.02 -3.93 27.53
N GLN A 261 0.49 -3.96 28.76
CA GLN A 261 -0.34 -3.74 29.95
C GLN A 261 -0.99 -2.35 29.88
N LYS A 262 -0.28 -1.35 29.38
CA LYS A 262 -0.81 0.04 29.33
C LYS A 262 -1.95 0.11 28.32
N TYR A 263 -1.88 -0.60 27.21
CA TYR A 263 -3.00 -0.67 26.26
C TYR A 263 -4.23 -1.31 26.95
N LYS A 264 -4.01 -2.28 27.83
CA LYS A 264 -5.11 -2.98 28.54
C LYS A 264 -5.73 -2.04 29.56
N THR A 265 -4.92 -1.43 30.41
CA THR A 265 -5.41 -0.55 31.48
C THR A 265 -5.96 0.75 30.87
N GLU A 266 -5.55 1.19 29.68
CA GLU A 266 -6.06 2.46 29.09
C GLU A 266 -7.18 2.17 28.11
N ASP A 267 -7.54 0.92 27.93
CA ASP A 267 -8.65 0.53 27.02
C ASP A 267 -8.41 1.12 25.63
N PHE A 268 -7.21 0.91 25.08
CA PHE A 268 -6.97 1.02 23.63
C PHE A 268 -6.80 -0.34 23.00
N PRO A 269 -7.40 -0.57 21.82
CA PRO A 269 -7.15 -1.75 21.00
C PRO A 269 -5.65 -1.94 20.70
N LEU A 270 -5.18 -3.19 20.72
CA LEU A 270 -3.75 -3.51 20.42
C LEU A 270 -3.69 -4.88 19.79
N ASP A 271 -3.12 -4.96 18.59
CA ASP A 271 -2.89 -6.26 17.94
C ASP A 271 -1.43 -6.69 18.01
N THR A 272 -0.49 -5.74 17.95
CA THR A 272 0.94 -6.06 17.69
C THR A 272 1.85 -5.11 18.42
N ILE A 273 2.87 -5.64 19.10
CA ILE A 273 3.95 -4.81 19.68
C ILE A 273 5.23 -5.07 18.87
N VAL A 274 5.92 -3.98 18.54
CA VAL A 274 7.11 -3.97 17.64
C VAL A 274 8.37 -3.68 18.46
N LEU A 275 9.38 -4.54 18.36
CA LEU A 275 10.64 -4.41 19.11
C LEU A 275 11.73 -3.91 18.16
N ASP A 276 12.27 -2.75 18.49
CA ASP A 276 13.38 -2.07 17.76
C ASP A 276 14.70 -2.68 18.27
N LEU A 277 15.83 -2.06 17.89
CA LEU A 277 17.15 -2.75 17.91
C LEU A 277 17.65 -3.06 19.34
N TYR A 278 17.00 -2.62 20.42
CA TYR A 278 17.43 -3.00 21.79
C TYR A 278 17.10 -4.46 22.16
N TRP A 279 16.31 -5.17 21.35
CA TRP A 279 15.98 -6.59 21.61
C TRP A 279 17.25 -7.44 21.46
N PHE A 280 18.25 -6.96 20.71
CA PHE A 280 19.49 -7.75 20.44
C PHE A 280 20.75 -7.06 20.99
N GLY A 281 20.62 -5.91 21.64
CA GLY A 281 21.72 -5.33 22.41
C GLY A 281 21.33 -4.12 23.22
N LYS A 282 22.15 -3.77 24.21
CA LYS A 282 21.82 -2.68 25.15
C LYS A 282 22.14 -1.30 24.54
N ASP A 283 22.84 -1.20 23.41
CA ASP A 283 23.23 0.12 22.84
C ASP A 283 22.77 0.19 21.39
N ILE A 284 22.61 1.40 20.87
CA ILE A 284 22.30 1.64 19.43
C ILE A 284 23.48 1.07 18.63
N LYS A 285 24.72 1.28 19.10
CA LYS A 285 25.95 0.99 18.34
C LYS A 285 26.51 -0.34 18.80
N GLY A 286 27.01 -1.14 17.85
CA GLY A 286 27.99 -2.19 18.15
C GLY A 286 27.39 -3.56 18.32
N HIS A 287 26.06 -3.74 18.18
CA HIS A 287 25.40 -5.06 18.38
C HIS A 287 24.70 -5.59 17.14
N MET A 288 24.48 -4.76 16.15
CA MET A 288 23.72 -5.11 14.93
C MET A 288 24.39 -6.33 14.26
N GLY A 289 23.60 -7.38 14.06
CA GLY A 289 24.00 -8.69 13.51
C GLY A 289 23.98 -9.74 14.56
N ASN A 290 23.88 -9.35 15.83
CA ASN A 290 23.65 -10.33 16.91
C ASN A 290 22.44 -11.22 16.57
N LEU A 291 21.37 -10.64 16.02
CA LEU A 291 20.13 -11.35 15.64
C LEU A 291 19.80 -12.41 16.67
N ASP A 292 19.80 -12.02 17.92
CA ASP A 292 19.43 -12.92 19.02
C ASP A 292 19.21 -12.07 20.26
N TRP A 293 18.52 -12.63 21.23
CA TRP A 293 18.02 -11.85 22.38
C TRP A 293 19.18 -11.32 23.23
N ASP A 294 19.11 -10.05 23.58
CA ASP A 294 19.91 -9.47 24.68
C ASP A 294 19.29 -9.98 25.97
N LYS A 295 19.86 -11.03 26.56
CA LYS A 295 19.23 -11.78 27.68
C LYS A 295 19.34 -10.97 28.97
N GLU A 296 20.23 -9.99 29.06
CA GLU A 296 20.32 -9.14 30.27
C GLU A 296 19.04 -8.32 30.34
N ASN A 297 18.51 -7.83 29.23
CA ASN A 297 17.32 -6.92 29.18
C ASN A 297 16.04 -7.68 28.76
N PHE A 298 16.16 -8.84 28.08
CA PHE A 298 15.03 -9.70 27.65
C PHE A 298 15.31 -11.10 28.17
N PRO A 299 15.16 -11.34 29.49
CA PRO A 299 15.54 -12.61 30.10
C PRO A 299 14.67 -13.81 29.72
N THR A 300 13.38 -13.61 29.42
CA THR A 300 12.44 -14.74 29.19
C THR A 300 11.57 -14.41 27.98
N PRO A 301 12.19 -14.30 26.80
CA PRO A 301 11.49 -13.86 25.61
C PRO A 301 10.43 -14.83 25.08
N LEU A 302 10.65 -16.14 25.21
CA LEU A 302 9.66 -17.14 24.75
C LEU A 302 8.40 -16.97 25.62
N ASP A 303 8.56 -16.90 26.93
CA ASP A 303 7.44 -16.64 27.86
C ASP A 303 6.76 -15.32 27.49
N MET A 304 7.57 -14.30 27.16
CA MET A 304 7.04 -12.96 26.84
C MET A 304 6.13 -13.05 25.63
N MET A 305 6.59 -13.67 24.55
CA MET A 305 5.79 -13.77 23.31
C MET A 305 4.54 -14.64 23.55
N ALA A 306 4.66 -15.72 24.32
CA ALA A 306 3.53 -16.64 24.60
C ALA A 306 2.48 -15.87 25.44
N ASP A 307 2.93 -15.15 26.46
CA ASP A 307 2.08 -14.30 27.33
C ASP A 307 1.34 -13.26 26.49
N PHE A 308 2.01 -12.61 25.54
CA PHE A 308 1.36 -11.69 24.60
C PHE A 308 0.32 -12.43 23.74
N LYS A 309 0.68 -13.58 23.17
CA LYS A 309 -0.20 -14.35 22.30
C LYS A 309 -1.47 -14.73 23.11
N GLN A 310 -1.37 -15.00 24.41
CA GLN A 310 -2.58 -15.29 25.24
C GLN A 310 -3.51 -14.08 25.25
N GLN A 311 -2.95 -12.89 25.19
CA GLN A 311 -3.75 -11.63 25.14
C GLN A 311 -4.04 -11.26 23.69
N GLY A 312 -3.77 -12.11 22.71
CA GLY A 312 -4.11 -11.79 21.31
C GLY A 312 -3.11 -10.79 20.69
N VAL A 313 -1.93 -10.64 21.31
CA VAL A 313 -0.91 -9.64 20.85
C VAL A 313 0.26 -10.37 20.16
N LYS A 314 0.61 -9.91 18.96
CA LYS A 314 1.73 -10.46 18.14
C LYS A 314 2.99 -9.69 18.47
N THR A 315 4.15 -10.35 18.35
CA THR A 315 5.48 -9.72 18.48
C THR A 315 6.17 -9.65 17.11
N VAL A 316 6.64 -8.47 16.72
CA VAL A 316 7.40 -8.20 15.47
C VAL A 316 8.79 -7.66 15.87
N LEU A 317 9.83 -8.20 15.23
CA LEU A 317 11.23 -7.87 15.60
C LEU A 317 11.86 -7.17 14.39
N ILE A 318 12.65 -6.14 14.66
CA ILE A 318 13.49 -5.46 13.64
C ILE A 318 14.68 -6.38 13.28
N THR A 319 15.06 -6.33 12.03
CA THR A 319 16.29 -6.95 11.51
C THR A 319 16.85 -5.97 10.48
N GLU A 320 18.14 -6.09 10.20
CA GLU A 320 18.87 -5.17 9.30
C GLU A 320 19.84 -5.98 8.43
N PRO A 321 20.28 -5.43 7.28
CA PRO A 321 21.21 -6.16 6.42
C PRO A 321 22.61 -6.33 7.00
N PHE A 322 22.97 -5.51 7.99
CA PHE A 322 24.39 -5.33 8.40
C PHE A 322 24.72 -6.25 9.57
N VAL A 323 25.87 -6.89 9.45
CA VAL A 323 26.52 -7.66 10.55
C VAL A 323 27.82 -6.95 10.90
N LEU A 324 27.90 -6.42 12.12
CA LEU A 324 29.07 -5.65 12.60
C LEU A 324 30.19 -6.61 12.98
N THR A 325 31.43 -6.15 12.85
CA THR A 325 32.60 -6.98 13.20
C THR A 325 32.63 -7.18 14.71
N SER A 326 31.96 -6.31 15.51
CA SER A 326 31.81 -6.43 16.99
C SER A 326 30.65 -7.36 17.38
N SER A 327 29.73 -7.70 16.48
CA SER A 327 28.60 -8.61 16.78
C SER A 327 29.04 -10.07 17.01
N LYS A 328 28.24 -10.82 17.77
CA LYS A 328 28.46 -12.24 18.08
C LYS A 328 28.38 -13.10 16.80
N ARG A 329 27.90 -12.59 15.67
CA ARG A 329 27.70 -13.42 14.45
C ARG A 329 28.72 -13.06 13.34
N TRP A 330 29.65 -12.13 13.58
CA TRP A 330 30.70 -11.79 12.57
C TRP A 330 31.45 -13.06 12.10
N ASP A 331 32.14 -13.74 13.00
CA ASP A 331 33.02 -14.91 12.68
C ASP A 331 32.18 -15.97 11.95
N ASP A 332 30.98 -16.27 12.46
CA ASP A 332 30.11 -17.31 11.85
C ASP A 332 29.68 -16.88 10.45
N ALA A 333 29.34 -15.62 10.27
CA ALA A 333 28.89 -15.11 8.95
C ALA A 333 30.04 -15.20 7.92
N VAL A 334 31.22 -14.80 8.35
CA VAL A 334 32.47 -14.92 7.51
C VAL A 334 32.66 -16.41 7.19
N LYS A 335 32.61 -17.26 8.22
CA LYS A 335 32.84 -18.72 8.04
C LYS A 335 31.86 -19.29 7.00
N ALA A 336 30.62 -18.85 7.00
CA ALA A 336 29.54 -19.37 6.13
C ALA A 336 29.53 -18.65 4.80
N LYS A 337 30.38 -17.63 4.62
CA LYS A 337 30.46 -16.88 3.34
C LYS A 337 29.11 -16.18 3.08
N ALA A 338 28.48 -15.68 4.15
CA ALA A 338 27.13 -15.05 4.08
C ALA A 338 27.25 -13.57 3.71
N LEU A 339 28.40 -12.93 3.95
CA LEU A 339 28.57 -11.47 3.67
C LEU A 339 29.09 -11.24 2.26
N ALA A 340 28.71 -10.08 1.69
CA ALA A 340 29.25 -9.54 0.42
C ALA A 340 30.76 -9.27 0.59
N LYS A 341 31.47 -9.34 -0.54
CA LYS A 341 32.95 -9.46 -0.58
C LYS A 341 33.53 -8.20 -1.22
N ASP A 342 34.80 -7.90 -0.98
CA ASP A 342 35.56 -6.89 -1.78
C ASP A 342 36.01 -7.57 -3.07
N PRO A 343 36.59 -6.85 -4.05
CA PRO A 343 37.14 -7.50 -5.25
C PRO A 343 38.26 -8.49 -4.90
N GLN A 344 39.06 -8.22 -3.86
CA GLN A 344 40.09 -9.15 -3.34
C GLN A 344 39.45 -10.51 -3.00
N GLY A 345 38.21 -10.55 -2.47
CA GLY A 345 37.43 -11.79 -2.19
C GLY A 345 37.19 -12.03 -0.71
N GLN A 346 37.68 -11.12 0.13
CA GLN A 346 37.46 -11.11 1.60
C GLN A 346 36.07 -10.53 1.87
N PRO A 347 35.54 -10.73 3.10
CA PRO A 347 34.38 -9.96 3.57
C PRO A 347 34.60 -8.45 3.49
N LYS A 348 33.75 -7.74 2.75
CA LYS A 348 33.69 -6.26 2.73
C LYS A 348 33.18 -5.75 4.09
N ALA A 349 34.01 -4.98 4.79
CA ALA A 349 33.68 -4.24 6.02
C ALA A 349 33.72 -2.76 5.71
N PHE A 350 32.82 -1.97 6.30
CA PHE A 350 32.72 -0.49 6.09
C PHE A 350 32.05 0.12 7.31
N GLU A 351 32.29 1.41 7.51
CA GLU A 351 31.95 2.15 8.75
C GLU A 351 30.53 2.67 8.59
N LEU A 352 29.60 2.07 9.30
CA LEU A 352 28.20 2.56 9.42
C LEU A 352 28.14 3.41 10.69
N TYR A 353 27.05 4.17 10.86
CA TYR A 353 26.72 4.85 12.15
C TYR A 353 26.95 3.91 13.34
N PHE A 354 26.57 2.63 13.20
CA PHE A 354 26.48 1.61 14.28
C PHE A 354 27.83 0.96 14.55
N GLY A 355 28.77 1.14 13.62
CA GLY A 355 30.14 0.61 13.71
C GLY A 355 30.59 0.04 12.38
N ASN A 356 31.64 -0.76 12.42
CA ASN A 356 32.28 -1.33 11.21
C ASN A 356 31.62 -2.68 10.94
N GLY A 357 31.14 -2.93 9.74
CA GLY A 357 30.55 -4.23 9.47
C GLY A 357 30.36 -4.47 8.00
N GLY A 358 29.82 -5.65 7.72
CA GLY A 358 29.45 -6.09 6.36
C GLY A 358 27.95 -6.12 6.13
N ILE A 359 27.58 -6.52 4.92
CA ILE A 359 26.18 -6.59 4.46
C ILE A 359 25.96 -8.03 4.06
N ILE A 360 24.93 -8.66 4.64
CA ILE A 360 24.51 -10.04 4.29
C ILE A 360 24.17 -10.04 2.81
N ASP A 361 24.71 -11.00 2.06
CA ASP A 361 24.47 -11.07 0.60
C ASP A 361 23.23 -11.95 0.33
N VAL A 362 22.08 -11.29 0.20
CA VAL A 362 20.74 -11.94 0.00
C VAL A 362 20.63 -12.43 -1.44
N PHE A 363 21.44 -11.87 -2.36
CA PHE A 363 21.61 -12.40 -3.74
C PHE A 363 22.44 -13.68 -3.78
N SER A 364 23.08 -14.14 -2.70
CA SER A 364 23.91 -15.37 -2.71
C SER A 364 23.12 -16.53 -2.11
N LYS A 365 23.44 -17.76 -2.52
CA LYS A 365 22.94 -19.01 -1.92
C LYS A 365 23.29 -19.04 -0.44
N GLU A 366 24.55 -18.76 -0.10
CA GLU A 366 25.11 -18.93 1.27
C GLU A 366 24.48 -17.91 2.24
N GLY A 367 24.41 -16.67 1.81
CA GLY A 367 23.80 -15.53 2.51
C GLY A 367 22.31 -15.78 2.76
N SER A 368 21.58 -16.23 1.74
CA SER A 368 20.12 -16.52 1.79
C SER A 368 19.87 -17.62 2.82
N ARG A 369 20.66 -18.68 2.76
CA ARG A 369 20.48 -19.84 3.64
C ARG A 369 20.89 -19.44 5.07
N TRP A 370 21.99 -18.72 5.24
CA TRP A 370 22.44 -18.33 6.59
C TRP A 370 21.34 -17.44 7.25
N PHE A 371 20.88 -16.41 6.55
CA PHE A 371 19.92 -15.40 7.07
C PHE A 371 18.56 -16.08 7.33
N SER A 372 18.06 -16.81 6.34
CA SER A 372 16.83 -17.63 6.39
C SER A 372 16.78 -18.47 7.64
N SER A 373 17.88 -19.16 7.93
N SER A 373 17.87 -19.17 7.97
CA SER A 373 18.01 -20.07 9.10
CA SER A 373 17.89 -20.09 9.13
C SER A 373 17.74 -19.30 10.39
C SER A 373 17.76 -19.31 10.44
N ILE A 374 18.21 -18.06 10.47
CA ILE A 374 18.08 -17.20 11.68
C ILE A 374 16.60 -16.80 11.80
N TYR A 375 15.99 -16.33 10.73
CA TYR A 375 14.54 -15.98 10.71
C TYR A 375 13.72 -17.20 11.13
N LYS A 376 14.12 -18.40 10.69
CA LYS A 376 13.37 -19.63 11.01
C LYS A 376 13.41 -19.89 12.51
N ASP A 377 14.60 -19.77 13.11
CA ASP A 377 14.81 -20.07 14.54
C ASP A 377 13.96 -19.10 15.38
N LEU A 378 13.99 -17.81 15.06
CA LEU A 378 13.30 -16.76 15.85
C LEU A 378 11.79 -16.92 15.66
N SER A 379 11.30 -17.20 14.45
CA SER A 379 9.87 -17.45 14.18
C SER A 379 9.40 -18.65 15.01
N LYS A 380 10.24 -19.70 15.10
CA LYS A 380 9.87 -20.89 15.89
C LYS A 380 9.71 -20.49 17.36
N GLN A 381 10.48 -19.50 17.83
CA GLN A 381 10.43 -19.12 19.27
C GLN A 381 9.12 -18.37 19.59
N GLY A 382 8.47 -17.81 18.57
CA GLY A 382 7.14 -17.15 18.70
C GLY A 382 7.00 -15.84 17.95
N VAL A 383 8.00 -15.39 17.19
CA VAL A 383 7.89 -14.12 16.42
C VAL A 383 6.84 -14.30 15.34
N ALA A 384 5.91 -13.35 15.19
CA ALA A 384 4.74 -13.45 14.29
C ALA A 384 4.97 -12.74 12.97
N GLY A 385 5.88 -11.79 12.98
CA GLY A 385 6.09 -10.89 11.85
C GLY A 385 7.45 -10.22 11.92
N TRP A 386 7.80 -9.54 10.84
CA TRP A 386 9.19 -9.09 10.62
C TRP A 386 9.22 -7.68 10.09
N TRP A 387 10.16 -6.94 10.66
CA TRP A 387 10.53 -5.57 10.29
C TRP A 387 11.97 -5.59 9.75
N GLY A 388 12.17 -5.24 8.49
CA GLY A 388 13.52 -5.10 7.88
C GLY A 388 13.83 -3.65 7.64
N ASP A 389 14.67 -3.06 8.48
CA ASP A 389 15.06 -1.65 8.35
C ASP A 389 16.42 -1.55 7.62
N LEU A 390 16.68 -0.40 6.98
CA LEU A 390 17.98 -0.01 6.36
C LEU A 390 18.27 -0.79 5.07
N GLY A 391 17.24 -1.23 4.32
CA GLY A 391 17.43 -2.07 3.11
C GLY A 391 17.69 -1.27 1.82
N GLU A 392 18.07 0.00 1.92
CA GLU A 392 18.31 0.91 0.74
C GLU A 392 19.37 0.31 -0.21
N PRO A 393 20.42 -0.42 0.23
CA PRO A 393 20.92 -0.45 1.61
C PRO A 393 21.42 0.90 2.10
N GLU A 394 21.35 1.15 3.39
CA GLU A 394 21.55 2.52 3.93
C GLU A 394 22.98 2.99 3.57
N MET A 395 23.96 2.13 3.78
CA MET A 395 25.34 2.35 3.25
C MET A 395 25.72 1.12 2.43
N HIS A 396 26.28 1.36 1.24
CA HIS A 396 26.53 0.34 0.20
C HIS A 396 27.71 0.81 -0.68
N PRO A 397 28.97 0.73 -0.20
CA PRO A 397 30.12 1.18 -1.01
C PRO A 397 30.17 0.52 -2.39
N GLU A 398 30.51 1.31 -3.42
CA GLU A 398 30.45 0.95 -4.87
C GLU A 398 31.27 -0.30 -5.20
N ASP A 399 32.30 -0.62 -4.41
CA ASP A 399 33.19 -1.79 -4.62
C ASP A 399 32.72 -3.02 -3.84
N THR A 400 31.57 -2.97 -3.16
CA THR A 400 30.99 -4.17 -2.51
C THR A 400 30.56 -5.13 -3.61
N GLN A 401 30.79 -6.44 -3.44
CA GLN A 401 30.52 -7.45 -4.51
C GLN A 401 29.46 -8.44 -4.01
N HIS A 402 28.32 -8.46 -4.69
CA HIS A 402 27.22 -9.44 -4.48
C HIS A 402 27.38 -10.56 -5.50
N ALA A 403 26.86 -11.74 -5.19
CA ALA A 403 26.96 -12.93 -6.06
C ALA A 403 26.65 -12.55 -7.52
N ILE A 404 25.76 -11.59 -7.80
CA ILE A 404 25.26 -11.34 -9.19
C ILE A 404 25.71 -9.98 -9.76
N GLY A 405 26.49 -9.17 -9.04
CA GLY A 405 26.73 -7.79 -9.48
C GLY A 405 27.33 -6.97 -8.37
N ASP A 406 27.82 -5.77 -8.70
CA ASP A 406 28.42 -4.87 -7.69
C ASP A 406 27.30 -4.00 -7.08
N ALA A 407 27.62 -3.37 -5.97
CA ALA A 407 26.68 -2.56 -5.16
C ALA A 407 25.91 -1.63 -6.08
N ASP A 408 26.59 -0.90 -6.98
CA ASP A 408 25.95 0.16 -7.78
C ASP A 408 25.02 -0.45 -8.84
N THR A 409 25.25 -1.70 -9.22
CA THR A 409 24.42 -2.41 -10.23
C THR A 409 23.14 -2.97 -9.56
N VAL A 410 23.23 -3.59 -8.37
CA VAL A 410 22.10 -4.26 -7.65
C VAL A 410 21.36 -3.34 -6.64
N HIS A 411 21.92 -2.19 -6.29
CA HIS A 411 21.49 -1.31 -5.17
C HIS A 411 19.95 -1.31 -4.98
N ASN A 412 19.21 -0.98 -6.01
CA ASN A 412 17.77 -0.67 -5.88
C ASN A 412 16.92 -1.94 -5.83
N ALA A 413 17.52 -3.14 -5.78
CA ALA A 413 16.83 -4.44 -5.73
C ALA A 413 17.23 -5.22 -4.50
N TYR A 414 18.17 -4.71 -3.70
CA TYR A 414 18.62 -5.41 -2.47
C TYR A 414 17.37 -5.71 -1.58
N GLY A 415 16.61 -4.67 -1.28
CA GLY A 415 15.43 -4.73 -0.38
C GLY A 415 14.38 -5.67 -0.94
N HIS A 416 14.16 -5.59 -2.25
CA HIS A 416 13.29 -6.44 -3.09
C HIS A 416 13.62 -7.91 -2.88
N ARG A 417 14.89 -8.26 -2.99
CA ARG A 417 15.33 -9.66 -2.86
C ARG A 417 15.30 -10.08 -1.39
N TRP A 418 15.61 -9.16 -0.48
CA TRP A 418 15.51 -9.43 0.97
C TRP A 418 14.06 -9.85 1.31
N ALA A 419 13.10 -9.11 0.80
CA ALA A 419 11.65 -9.39 0.95
C ALA A 419 11.34 -10.77 0.36
N GLU A 420 11.77 -11.01 -0.88
CA GLU A 420 11.52 -12.30 -1.55
C GLU A 420 12.03 -13.44 -0.68
N MET A 421 13.31 -13.37 -0.30
CA MET A 421 13.99 -14.33 0.58
C MET A 421 13.11 -14.58 1.83
N LEU A 422 12.70 -13.52 2.50
CA LEU A 422 12.02 -13.65 3.83
C LEU A 422 10.60 -14.19 3.58
N TYR A 423 9.96 -13.74 2.52
CA TYR A 423 8.60 -14.20 2.13
C TYR A 423 8.62 -15.70 1.86
N GLN A 424 9.53 -16.16 1.00
CA GLN A 424 9.70 -17.61 0.65
C GLN A 424 9.92 -18.38 1.93
N GLN A 425 10.79 -17.88 2.81
CA GLN A 425 11.13 -18.55 4.08
C GLN A 425 9.87 -18.71 4.97
N GLN A 426 9.09 -17.65 5.12
CA GLN A 426 7.89 -17.64 6.00
C GLN A 426 6.84 -18.61 5.42
N LEU A 427 6.67 -18.63 4.10
CA LEU A 427 5.72 -19.56 3.42
C LEU A 427 6.17 -20.99 3.61
N ASP A 428 7.48 -21.27 3.65
N ASP A 428 7.49 -21.26 3.60
CA ASP A 428 7.98 -22.67 3.76
CA ASP A 428 8.05 -22.62 3.78
C ASP A 428 7.87 -23.11 5.23
C ASP A 428 7.77 -23.07 5.22
N GLN A 429 8.08 -22.21 6.20
CA GLN A 429 7.92 -22.55 7.63
C GLN A 429 6.43 -22.66 8.02
N PHE A 430 5.60 -21.71 7.57
CA PHE A 430 4.18 -21.53 7.99
C PHE A 430 3.32 -21.38 6.75
N PRO A 431 3.08 -22.50 6.04
CA PRO A 431 2.30 -22.46 4.79
C PRO A 431 0.84 -22.04 5.01
N GLU A 432 0.34 -22.13 6.25
CA GLU A 432 -1.07 -21.82 6.59
C GLU A 432 -1.17 -20.40 7.16
N LEU A 433 -0.10 -19.60 7.13
CA LEU A 433 -0.14 -18.20 7.63
C LEU A 433 0.33 -17.23 6.55
N ARG A 434 -0.16 -16.00 6.66
CA ARG A 434 0.22 -14.88 5.77
C ARG A 434 1.41 -14.13 6.37
N PRO A 435 2.55 -14.05 5.67
CA PRO A 435 3.67 -13.30 6.19
C PRO A 435 3.35 -11.81 6.33
N PHE A 436 3.93 -11.24 7.37
CA PHE A 436 4.00 -9.79 7.67
C PHE A 436 5.48 -9.37 7.56
N ILE A 437 5.74 -8.57 6.55
CA ILE A 437 7.10 -8.11 6.13
C ILE A 437 7.03 -6.60 5.92
N MET A 438 7.55 -5.86 6.87
CA MET A 438 7.54 -4.39 6.81
C MET A 438 8.96 -3.93 6.48
N MET A 439 9.11 -3.18 5.41
CA MET A 439 10.45 -2.78 4.91
C MET A 439 10.39 -1.36 4.35
N ARG A 440 11.57 -0.72 4.26
CA ARG A 440 11.79 0.72 3.99
C ARG A 440 12.13 0.92 2.51
N ALA A 441 12.57 -0.14 1.84
CA ALA A 441 13.12 -0.03 0.47
C ALA A 441 12.85 -1.31 -0.31
N GLY A 442 12.37 -1.14 -1.54
CA GLY A 442 12.20 -2.30 -2.46
C GLY A 442 12.29 -1.86 -3.91
N PHE A 443 11.62 -2.61 -4.76
CA PHE A 443 11.62 -2.33 -6.22
C PHE A 443 10.18 -2.45 -6.72
N VAL A 444 9.92 -2.00 -7.95
CA VAL A 444 8.67 -2.33 -8.67
C VAL A 444 8.43 -3.86 -8.53
N GLY A 445 7.22 -4.24 -8.12
CA GLY A 445 6.84 -5.65 -7.92
C GLY A 445 7.09 -6.18 -6.52
N SER A 446 7.67 -5.40 -5.61
CA SER A 446 8.00 -5.91 -4.25
C SER A 446 6.68 -6.28 -3.52
N GLN A 447 5.56 -5.69 -3.90
CA GLN A 447 4.23 -6.01 -3.31
C GLN A 447 3.95 -7.51 -3.44
N ARG A 448 4.56 -8.20 -4.41
CA ARG A 448 4.22 -9.62 -4.63
C ARG A 448 4.86 -10.44 -3.54
N TYR A 449 5.80 -9.86 -2.80
CA TYR A 449 6.43 -10.55 -1.66
C TYR A 449 5.81 -10.06 -0.34
N GLY A 450 4.65 -9.42 -0.44
CA GLY A 450 3.91 -8.91 0.72
C GLY A 450 4.58 -7.70 1.36
N MET A 451 5.45 -6.98 0.63
CA MET A 451 6.14 -5.85 1.29
C MET A 451 5.11 -4.81 1.74
N ILE A 452 5.26 -4.40 2.99
CA ILE A 452 4.48 -3.27 3.56
C ILE A 452 5.45 -2.14 3.86
N PRO A 453 5.50 -1.09 3.03
CA PRO A 453 6.45 -0.01 3.25
C PRO A 453 5.91 1.11 4.13
N TRP A 454 6.83 1.83 4.78
CA TRP A 454 6.53 3.08 5.51
C TRP A 454 7.52 4.17 5.06
N THR A 455 7.19 5.44 5.30
CA THR A 455 7.87 6.62 4.69
C THR A 455 9.07 7.06 5.54
N GLY A 456 9.69 6.14 6.26
CA GLY A 456 10.94 6.36 6.99
C GLY A 456 10.87 7.45 8.04
N ASP A 457 12.02 8.06 8.30
CA ASP A 457 12.34 8.78 9.54
C ASP A 457 11.83 10.23 9.41
N VAL A 458 10.52 10.37 9.29
CA VAL A 458 9.89 11.69 9.07
C VAL A 458 10.10 12.56 10.31
N SER A 459 10.34 13.85 10.08
CA SER A 459 10.44 14.83 11.19
C SER A 459 9.09 14.89 11.93
N ARG A 460 9.15 15.19 13.21
CA ARG A 460 7.98 15.58 14.02
C ARG A 460 7.57 17.02 13.69
N THR A 461 7.22 17.29 12.44
CA THR A 461 6.71 18.62 12.04
C THR A 461 5.42 18.48 11.23
N TRP A 462 4.67 19.58 11.23
CA TRP A 462 3.47 19.72 10.37
C TRP A 462 3.86 19.42 8.93
N GLY A 463 5.02 19.91 8.49
CA GLY A 463 5.50 19.68 7.12
C GLY A 463 5.68 18.19 6.86
N GLY A 464 6.22 17.45 7.84
CA GLY A 464 6.35 16.00 7.72
C GLY A 464 4.95 15.36 7.52
N LEU A 465 3.95 15.81 8.28
CA LEU A 465 2.55 15.29 8.15
C LEU A 465 1.98 15.70 6.80
N ALA A 466 2.27 16.94 6.37
CA ALA A 466 1.63 17.56 5.19
C ALA A 466 2.09 16.86 3.91
N SER A 467 3.18 16.10 4.01
CA SER A 467 3.81 15.40 2.86
C SER A 467 3.28 13.98 2.70
N GLN A 468 2.60 13.43 3.72
CA GLN A 468 2.35 11.97 3.77
C GLN A 468 1.33 11.56 2.72
N VAL A 469 0.32 12.36 2.43
CA VAL A 469 -0.70 11.97 1.42
C VAL A 469 -0.01 11.90 0.06
N GLU A 470 0.86 12.88 -0.25
CA GLU A 470 1.58 12.87 -1.54
C GLU A 470 2.39 11.56 -1.65
N LEU A 471 3.16 11.24 -0.62
CA LEU A 471 4.01 10.04 -0.63
C LEU A 471 3.13 8.79 -0.77
N ALA A 472 2.01 8.74 -0.03
CA ALA A 472 1.17 7.54 0.01
C ALA A 472 0.56 7.32 -1.39
N LEU A 473 0.07 8.37 -2.01
CA LEU A 473 -0.62 8.24 -3.31
C LEU A 473 0.42 7.84 -4.35
N GLN A 474 1.62 8.42 -4.26
CA GLN A 474 2.70 8.13 -5.27
C GLN A 474 3.05 6.66 -5.18
N MET A 475 3.16 6.10 -3.98
CA MET A 475 3.49 4.67 -3.86
C MET A 475 2.27 3.80 -4.16
N SER A 476 1.07 4.23 -3.76
CA SER A 476 -0.18 3.43 -3.92
C SER A 476 -0.43 3.23 -5.41
N LEU A 477 -0.17 4.29 -6.17
CA LEU A 477 -0.47 4.32 -7.62
C LEU A 477 0.39 3.30 -8.37
N LEU A 478 1.54 2.91 -7.79
CA LEU A 478 2.53 2.02 -8.45
C LEU A 478 2.79 0.76 -7.62
N GLY A 479 1.75 0.27 -6.96
CA GLY A 479 1.73 -1.13 -6.50
C GLY A 479 1.69 -1.32 -4.98
N PHE A 480 1.80 -0.25 -4.19
CA PHE A 480 2.08 -0.38 -2.74
C PHE A 480 0.87 0.10 -1.93
N GLY A 481 -0.12 -0.79 -1.77
CA GLY A 481 -1.40 -0.42 -1.11
C GLY A 481 -1.21 -0.09 0.36
N TYR A 482 -0.16 -0.63 1.00
CA TYR A 482 -0.01 -0.61 2.48
C TYR A 482 1.06 0.39 2.90
N ILE A 483 1.45 1.29 1.98
CA ILE A 483 2.31 2.46 2.29
C ILE A 483 1.65 3.20 3.44
N HIS A 484 2.43 3.54 4.46
CA HIS A 484 1.92 4.36 5.59
C HIS A 484 3.06 5.19 6.18
N SER A 485 2.77 5.93 7.24
CA SER A 485 3.76 6.78 7.94
C SER A 485 3.86 6.34 9.40
N ASP A 486 4.98 6.65 10.02
CA ASP A 486 5.17 6.65 11.49
C ASP A 486 4.18 7.65 12.07
N LEU A 487 3.08 7.17 12.66
CA LEU A 487 2.04 8.14 13.09
C LEU A 487 2.57 9.00 14.26
N GLY A 488 2.36 10.31 14.18
CA GLY A 488 2.90 11.24 15.19
C GLY A 488 4.26 11.80 14.81
N GLY A 489 4.95 11.18 13.85
CA GLY A 489 6.31 11.56 13.42
C GLY A 489 7.38 10.88 14.25
N PHE A 490 8.56 10.76 13.65
CA PHE A 490 9.66 9.91 14.13
C PHE A 490 10.80 10.73 14.75
N ALA A 491 11.29 11.72 14.00
CA ALA A 491 12.68 12.25 14.16
C ALA A 491 12.68 13.50 15.03
N ASP A 492 13.64 13.51 15.97
CA ASP A 492 14.10 14.65 16.82
C ASP A 492 12.87 15.21 17.54
N GLY A 493 12.75 16.55 17.59
CA GLY A 493 11.85 17.23 18.53
C GLY A 493 12.39 17.08 19.94
N GLU A 494 11.95 17.94 20.85
CA GLU A 494 12.33 17.83 22.30
C GLU A 494 11.07 17.69 23.16
N THR A 495 9.90 18.14 22.69
CA THR A 495 8.65 17.98 23.47
C THR A 495 7.53 17.73 22.48
N LEU A 496 6.50 16.98 22.89
CA LEU A 496 5.38 16.62 22.00
C LEU A 496 4.70 17.88 21.47
N ASP A 497 4.48 17.95 20.17
CA ASP A 497 3.55 18.92 19.57
C ASP A 497 2.17 18.24 19.61
N LYS A 498 1.40 18.50 20.66
CA LYS A 498 0.14 17.75 20.93
C LYS A 498 -0.84 17.83 19.76
N GLU A 499 -1.07 19.03 19.25
CA GLU A 499 -2.05 19.24 18.15
C GLU A 499 -1.60 18.47 16.91
N MET A 500 -0.33 18.55 16.55
CA MET A 500 0.23 17.83 15.39
C MET A 500 0.03 16.32 15.61
N TYR A 501 0.41 15.82 16.77
CA TYR A 501 0.32 14.38 17.11
C TYR A 501 -1.13 13.92 16.90
N ILE A 502 -2.10 14.66 17.47
CA ILE A 502 -3.54 14.32 17.41
C ILE A 502 -3.94 14.27 15.95
N ARG A 503 -3.62 15.31 15.18
CA ARG A 503 -4.00 15.37 13.73
C ARG A 503 -3.39 14.18 12.98
N TRP A 504 -2.18 13.78 13.37
CA TRP A 504 -1.44 12.69 12.68
C TRP A 504 -2.14 11.35 12.98
N LEU A 505 -2.52 11.13 14.23
CA LEU A 505 -3.18 9.84 14.60
C LEU A 505 -4.67 9.79 14.21
N GLN A 506 -5.34 10.92 14.01
CA GLN A 506 -6.67 11.00 13.33
C GLN A 506 -6.54 10.56 11.88
N TYR A 507 -5.66 11.20 11.13
CA TYR A 507 -5.35 10.82 9.74
C TYR A 507 -5.05 9.31 9.67
N GLY A 508 -4.27 8.84 10.62
CA GLY A 508 -3.85 7.44 10.73
C GLY A 508 -5.00 6.48 10.54
N VAL A 509 -6.17 6.78 11.12
CA VAL A 509 -7.36 5.88 11.08
C VAL A 509 -7.70 5.61 9.61
N PHE A 510 -7.43 6.59 8.74
CA PHE A 510 -7.88 6.60 7.33
C PHE A 510 -6.66 6.42 6.39
N GLN A 511 -5.64 5.68 6.84
CA GLN A 511 -4.54 5.29 5.94
C GLN A 511 -4.12 3.88 6.33
N PRO A 512 -3.31 3.21 5.50
CA PRO A 512 -3.24 1.76 5.54
C PRO A 512 -2.85 1.00 6.81
N VAL A 513 -1.86 1.45 7.57
CA VAL A 513 -1.34 0.68 8.72
C VAL A 513 -1.28 1.67 9.89
N TYR A 514 -1.93 1.29 11.00
CA TYR A 514 -2.09 2.14 12.21
C TYR A 514 -0.89 1.87 13.12
N ARG A 515 0.25 2.50 12.78
CA ARG A 515 1.51 2.26 13.51
C ARG A 515 2.14 3.60 13.91
N PRO A 516 1.72 4.16 15.05
CA PRO A 516 2.47 5.25 15.68
C PRO A 516 3.86 4.74 16.08
N HIS A 517 4.89 5.55 15.79
CA HIS A 517 6.31 5.17 16.00
C HIS A 517 7.17 6.45 16.02
N GLY A 518 8.08 6.57 16.97
CA GLY A 518 9.05 7.69 16.98
C GLY A 518 10.15 7.42 17.98
N GLN A 519 11.19 8.25 17.96
CA GLN A 519 12.31 8.16 18.93
C GLN A 519 11.74 8.34 20.33
N ASP A 520 12.19 7.52 21.29
CA ASP A 520 11.50 7.29 22.58
C ASP A 520 11.78 8.37 23.62
N HIS A 521 12.39 9.50 23.28
CA HIS A 521 12.49 10.69 24.17
C HIS A 521 11.13 11.42 24.21
N ILE A 522 10.25 11.18 23.23
CA ILE A 522 8.83 11.62 23.20
C ILE A 522 7.96 10.37 22.91
N PRO A 523 6.94 10.06 23.73
CA PRO A 523 6.09 8.88 23.49
C PRO A 523 5.41 8.91 22.14
N SER A 524 5.49 7.80 21.39
CA SER A 524 4.78 7.61 20.10
C SER A 524 3.43 6.94 20.36
N GLU A 525 3.29 6.14 21.43
CA GLU A 525 2.05 5.33 21.59
C GLU A 525 0.93 6.20 22.18
N PRO A 526 -0.34 6.06 21.70
CA PRO A 526 -1.41 6.93 22.18
C PRO A 526 -1.70 6.75 23.66
N VAL A 527 -1.39 5.57 24.20
CA VAL A 527 -1.71 5.19 25.61
C VAL A 527 -0.85 6.01 26.57
N PHE A 528 0.22 6.64 26.09
CA PHE A 528 1.12 7.41 26.95
C PHE A 528 0.82 8.91 26.86
N GLN A 529 -0.31 9.33 26.30
CA GLN A 529 -0.63 10.75 26.04
C GLN A 529 -1.50 11.27 27.21
N ASP A 530 -1.82 12.56 27.20
CA ASP A 530 -2.57 13.19 28.32
C ASP A 530 -4.05 12.84 28.16
N GLU A 531 -4.88 13.18 29.16
CA GLU A 531 -6.31 12.77 29.23
C GLU A 531 -7.03 13.30 28.00
N GLU A 532 -6.79 14.55 27.63
CA GLU A 532 -7.49 15.14 26.47
C GLU A 532 -7.16 14.33 25.22
N THR A 533 -5.88 14.03 25.02
CA THR A 533 -5.41 13.35 23.80
C THR A 533 -6.06 11.94 23.76
N LYS A 534 -6.03 11.23 24.87
CA LYS A 534 -6.65 9.87 24.91
C LYS A 534 -8.16 9.96 24.67
N ALA A 535 -8.83 10.97 25.23
CA ALA A 535 -10.30 11.09 25.08
C ALA A 535 -10.63 11.33 23.62
N ILE A 536 -9.72 11.99 22.88
CA ILE A 536 -9.93 12.20 21.42
C ILE A 536 -9.61 10.92 20.64
N LEU A 537 -8.48 10.29 20.92
CA LEU A 537 -7.98 9.19 20.07
C LEU A 537 -8.62 7.83 20.43
N ARG A 538 -8.92 7.55 21.69
CA ARG A 538 -9.48 6.21 22.05
C ARG A 538 -10.67 5.85 21.15
N PRO A 539 -11.71 6.69 20.99
CA PRO A 539 -12.85 6.31 20.15
C PRO A 539 -12.51 6.23 18.67
N LEU A 540 -11.44 6.89 18.24
CA LEU A 540 -11.00 6.77 16.82
C LEU A 540 -10.22 5.47 16.59
N VAL A 541 -9.41 5.06 17.54
CA VAL A 541 -8.72 3.75 17.39
C VAL A 541 -9.80 2.66 17.48
N LYS A 542 -10.81 2.81 18.34
CA LYS A 542 -11.95 1.84 18.31
C LYS A 542 -12.63 1.90 16.97
N LEU A 543 -12.85 3.10 16.43
CA LEU A 543 -13.54 3.23 15.13
C LEU A 543 -12.77 2.43 14.08
N ARG A 544 -11.45 2.52 14.09
CA ARG A 544 -10.60 1.75 13.14
C ARG A 544 -10.99 0.27 13.21
N TYR A 545 -11.16 -0.28 14.40
CA TYR A 545 -11.55 -1.71 14.58
C TYR A 545 -13.01 -1.96 14.15
N ARG A 546 -13.92 -1.02 14.44
CA ARG A 546 -15.33 -1.18 14.08
C ARG A 546 -15.46 -1.16 12.57
N MET A 547 -14.55 -0.44 11.91
CA MET A 547 -14.50 -0.29 10.44
C MET A 547 -13.73 -1.43 9.75
N LEU A 548 -13.18 -2.39 10.47
CA LEU A 548 -12.45 -3.53 9.84
C LEU A 548 -13.22 -4.11 8.66
N PRO A 549 -14.56 -4.34 8.66
CA PRO A 549 -15.20 -4.84 7.45
C PRO A 549 -15.06 -3.91 6.24
N TYR A 550 -14.98 -2.60 6.44
CA TYR A 550 -14.75 -1.64 5.33
C TYR A 550 -13.29 -1.76 4.84
N ILE A 551 -12.36 -1.68 5.78
CA ILE A 551 -10.91 -1.66 5.45
C ILE A 551 -10.50 -3.00 4.84
N TYR A 552 -10.94 -4.11 5.40
CA TYR A 552 -10.55 -5.46 4.97
C TYR A 552 -11.10 -5.74 3.58
N THR A 553 -12.26 -5.16 3.25
CA THR A 553 -12.87 -5.24 1.92
C THR A 553 -12.01 -4.47 0.90
N ALA A 554 -11.53 -3.27 1.23
CA ALA A 554 -10.58 -2.49 0.37
C ALA A 554 -9.29 -3.30 0.20
N ALA A 555 -8.82 -4.00 1.25
CA ALA A 555 -7.64 -4.90 1.20
C ALA A 555 -7.88 -6.01 0.18
N TYR A 556 -9.04 -6.65 0.26
CA TYR A 556 -9.47 -7.72 -0.65
C TYR A 556 -9.43 -7.18 -2.09
N GLN A 557 -9.99 -6.00 -2.35
CA GLN A 557 -10.02 -5.39 -3.70
C GLN A 557 -8.59 -5.13 -4.17
N ASN A 558 -7.72 -4.69 -3.28
CA ASN A 558 -6.28 -4.48 -3.57
C ASN A 558 -5.65 -5.80 -4.02
N THR A 559 -5.88 -6.91 -3.29
CA THR A 559 -5.35 -8.23 -3.67
C THR A 559 -5.93 -8.63 -5.04
N LEU A 560 -7.21 -8.38 -5.30
CA LEU A 560 -7.87 -8.78 -6.58
C LEU A 560 -7.33 -7.98 -7.78
N THR A 561 -7.24 -6.65 -7.68
CA THR A 561 -7.12 -5.76 -8.87
C THR A 561 -5.99 -4.73 -8.77
N GLY A 562 -5.25 -4.74 -7.66
CA GLY A 562 -4.24 -3.72 -7.30
C GLY A 562 -4.85 -2.40 -6.93
N MET A 563 -6.18 -2.28 -6.87
CA MET A 563 -6.83 -1.02 -6.47
C MET A 563 -6.27 -0.62 -5.12
N PRO A 564 -5.60 0.54 -5.02
CA PRO A 564 -5.00 0.92 -3.75
C PRO A 564 -6.09 1.35 -2.76
N LEU A 565 -5.77 1.28 -1.48
CA LEU A 565 -6.73 1.60 -0.41
C LEU A 565 -6.94 3.11 -0.40
N MET A 566 -5.85 3.86 -0.56
CA MET A 566 -5.90 5.34 -0.72
C MET A 566 -5.92 5.61 -2.22
N ARG A 567 -6.92 6.36 -2.69
CA ARG A 567 -7.08 6.70 -4.12
C ARG A 567 -7.03 8.21 -4.23
N PRO A 568 -6.35 8.74 -5.28
CA PRO A 568 -6.28 10.19 -5.44
C PRO A 568 -7.60 10.82 -5.91
N LEU A 569 -7.77 12.11 -5.61
CA LEU A 569 -8.96 12.90 -6.03
C LEU A 569 -9.15 12.75 -7.53
N PHE A 570 -8.07 12.62 -8.31
CA PHE A 570 -8.22 12.66 -9.79
C PHE A 570 -8.97 11.44 -10.29
N PHE A 571 -9.11 10.38 -9.48
CA PHE A 571 -9.88 9.17 -9.89
C PHE A 571 -11.35 9.55 -10.12
N SER A 572 -11.83 10.59 -9.44
CA SER A 572 -13.23 11.10 -9.46
C SER A 572 -13.60 11.68 -10.82
N ASP A 573 -12.63 12.04 -11.66
CA ASP A 573 -12.92 12.67 -12.99
C ASP A 573 -11.64 12.60 -13.83
N GLU A 574 -11.57 11.57 -14.65
CA GLU A 574 -10.38 11.20 -15.47
C GLU A 574 -10.22 12.11 -16.69
N LYS A 575 -11.17 13.00 -16.96
CA LYS A 575 -11.10 13.98 -18.06
C LYS A 575 -10.79 15.38 -17.50
N ASN A 576 -10.39 15.48 -16.23
CA ASN A 576 -9.95 16.75 -15.59
C ASN A 576 -8.57 16.54 -15.01
N PRO A 577 -7.49 16.70 -15.81
CA PRO A 577 -6.13 16.41 -15.35
C PRO A 577 -5.65 17.42 -14.29
N ALA A 578 -6.21 18.62 -14.25
CA ALA A 578 -5.96 19.59 -13.16
C ALA A 578 -6.11 18.94 -11.78
N LEU A 579 -6.93 17.89 -11.63
CA LEU A 579 -7.16 17.24 -10.30
C LEU A 579 -5.91 16.48 -9.86
N ILE A 580 -5.11 16.01 -10.82
CA ILE A 580 -3.83 15.29 -10.56
C ILE A 580 -2.96 16.03 -9.52
N ASP A 581 -2.97 17.37 -9.51
CA ASP A 581 -2.10 18.19 -8.61
C ASP A 581 -2.54 18.02 -7.15
N ASN A 582 -3.79 17.60 -6.89
CA ASN A 582 -4.36 17.58 -5.52
C ASN A 582 -3.64 16.53 -4.65
N LYS A 583 -3.09 16.94 -3.50
CA LYS A 583 -2.47 16.03 -2.51
C LYS A 583 -2.94 16.36 -1.09
N THR A 584 -4.15 16.94 -0.97
CA THR A 584 -4.69 17.42 0.32
C THR A 584 -6.01 16.66 0.64
N SER A 585 -6.62 16.01 -0.36
CA SER A 585 -7.90 15.27 -0.23
C SER A 585 -7.70 13.95 -0.95
N TYR A 586 -8.13 12.83 -0.37
CA TYR A 586 -8.02 11.51 -1.03
C TYR A 586 -9.22 10.61 -0.63
N PHE A 587 -9.42 9.54 -1.38
CA PHE A 587 -10.45 8.49 -1.12
C PHE A 587 -9.81 7.40 -0.26
N TRP A 588 -10.48 7.10 0.85
CA TRP A 588 -10.21 5.91 1.70
C TRP A 588 -11.29 4.88 1.35
N GLY A 589 -10.92 3.91 0.56
CA GLY A 589 -11.87 3.01 -0.12
C GLY A 589 -12.73 3.77 -1.12
N ASP A 590 -13.86 3.20 -1.52
CA ASP A 590 -14.71 3.84 -2.55
C ASP A 590 -15.61 4.96 -2.06
N SER A 591 -15.84 5.08 -0.74
CA SER A 591 -16.94 5.97 -0.27
C SER A 591 -16.55 7.16 0.60
N LEU A 592 -15.33 7.22 1.10
CA LEU A 592 -14.94 8.30 2.05
C LEU A 592 -13.91 9.23 1.38
N LEU A 593 -14.22 10.52 1.36
CA LEU A 593 -13.30 11.60 0.94
C LEU A 593 -12.75 12.25 2.20
N VAL A 594 -11.47 12.01 2.46
CA VAL A 594 -10.78 12.45 3.71
C VAL A 594 -9.91 13.67 3.39
N THR A 595 -9.94 14.70 4.23
CA THR A 595 -9.06 15.88 4.07
C THR A 595 -8.31 16.06 5.37
N PRO A 596 -7.10 15.50 5.53
CA PRO A 596 -6.33 15.69 6.75
C PRO A 596 -6.07 17.17 7.01
N ILE A 597 -6.06 17.54 8.27
CA ILE A 597 -5.62 18.88 8.74
C ILE A 597 -4.11 18.77 8.98
N THR A 598 -3.35 19.58 8.26
CA THR A 598 -1.86 19.48 8.21
C THR A 598 -1.25 20.83 8.63
N GLN A 599 -1.98 21.69 9.33
CA GLN A 599 -1.40 22.89 10.00
C GLN A 599 -2.14 23.14 11.28
N ALA A 600 -1.49 23.84 12.20
CA ALA A 600 -2.06 24.22 13.52
C ALA A 600 -3.13 25.30 13.29
N GLY A 601 -4.20 25.26 14.08
CA GLY A 601 -5.23 26.32 14.23
C GLY A 601 -6.16 26.47 13.02
N VAL A 602 -6.13 25.53 12.07
CA VAL A 602 -7.09 25.56 10.93
C VAL A 602 -8.52 25.50 11.50
N GLU A 603 -9.36 26.50 11.22
CA GLU A 603 -10.75 26.64 11.77
C GLU A 603 -11.79 26.09 10.81
N SER A 604 -11.43 25.91 9.54
CA SER A 604 -12.36 25.47 8.48
C SER A 604 -11.52 25.03 7.28
N VAL A 605 -12.09 24.21 6.37
CA VAL A 605 -11.37 23.72 5.17
C VAL A 605 -12.30 23.83 3.97
N SER A 606 -11.73 24.01 2.79
CA SER A 606 -12.45 24.03 1.50
C SER A 606 -12.17 22.71 0.78
N ILE A 607 -13.20 21.86 0.63
CA ILE A 607 -13.02 20.47 0.15
C ILE A 607 -13.50 20.42 -1.28
N PRO A 608 -12.63 20.07 -2.24
CA PRO A 608 -13.03 20.02 -3.65
C PRO A 608 -13.79 18.74 -3.95
N ALA A 609 -14.93 18.58 -3.30
CA ALA A 609 -15.77 17.37 -3.39
C ALA A 609 -16.23 17.27 -4.84
N PRO A 610 -16.09 16.10 -5.50
CA PRO A 610 -16.70 15.90 -6.81
C PRO A 610 -18.20 16.23 -6.75
N LYS A 611 -18.76 16.65 -7.89
CA LYS A 611 -20.17 17.07 -7.95
C LYS A 611 -21.02 15.85 -7.52
N GLY A 612 -22.09 16.09 -6.80
CA GLY A 612 -22.99 15.03 -6.32
C GLY A 612 -23.32 15.31 -4.89
N VAL A 613 -23.81 14.29 -4.20
CA VAL A 613 -24.29 14.47 -2.80
C VAL A 613 -23.27 13.80 -1.87
N TRP A 614 -23.01 14.45 -0.76
CA TRP A 614 -21.97 14.08 0.22
C TRP A 614 -22.57 14.29 1.60
N PHE A 615 -22.18 13.48 2.58
CA PHE A 615 -22.62 13.60 3.97
C PHE A 615 -21.40 13.78 4.83
N ASP A 616 -21.53 14.58 5.89
CA ASP A 616 -20.52 14.67 6.98
C ASP A 616 -20.52 13.33 7.73
N PHE A 617 -19.41 12.62 7.65
CA PHE A 617 -19.21 11.32 8.30
C PHE A 617 -19.55 11.43 9.78
N TRP A 618 -19.23 12.54 10.44
CA TRP A 618 -19.33 12.71 11.92
C TRP A 618 -20.70 13.22 12.34
N LYS A 619 -21.35 14.02 11.50
CA LYS A 619 -22.53 14.84 11.90
C LYS A 619 -23.77 14.49 11.06
N ASP A 620 -23.65 13.66 10.04
CA ASP A 620 -24.79 13.23 9.19
C ASP A 620 -25.30 14.37 8.31
N THR A 621 -24.74 15.58 8.39
CA THR A 621 -25.20 16.73 7.55
C THR A 621 -25.06 16.38 6.07
N ARG A 622 -26.08 16.70 5.28
CA ARG A 622 -26.16 16.42 3.81
C ARG A 622 -25.72 17.68 3.06
N TYR A 623 -24.84 17.51 2.08
CA TYR A 623 -24.31 18.56 1.19
C TYR A 623 -24.55 18.10 -0.24
N GLN A 624 -24.93 19.02 -1.10
CA GLN A 624 -24.99 18.79 -2.56
C GLN A 624 -24.08 19.85 -3.19
N THR A 625 -23.40 19.54 -4.29
CA THR A 625 -22.58 20.52 -5.04
C THR A 625 -22.57 20.13 -6.51
N ASP A 626 -22.62 21.14 -7.40
CA ASP A 626 -22.55 20.98 -8.87
C ASP A 626 -21.12 21.20 -9.35
N GLY A 627 -20.18 21.48 -8.45
CA GLY A 627 -18.75 21.69 -8.76
C GLY A 627 -18.09 22.54 -7.69
N ALA A 628 -18.80 23.54 -7.20
CA ALA A 628 -18.35 24.45 -6.11
C ALA A 628 -17.77 23.61 -4.97
N PRO A 629 -16.62 23.98 -4.37
CA PRO A 629 -16.12 23.28 -3.18
C PRO A 629 -17.06 23.46 -1.97
N LEU A 630 -16.88 22.63 -0.95
CA LEU A 630 -17.71 22.65 0.27
C LEU A 630 -16.81 23.16 1.39
N THR A 631 -17.33 24.03 2.23
CA THR A 631 -16.55 24.54 3.36
C THR A 631 -17.07 23.85 4.61
N LEU A 632 -16.22 23.13 5.31
CA LEU A 632 -16.63 22.52 6.59
C LEU A 632 -15.80 23.13 7.70
N PRO A 633 -16.41 23.39 8.87
CA PRO A 633 -15.66 23.80 10.04
C PRO A 633 -14.87 22.58 10.53
N THR A 634 -13.85 22.85 11.35
CA THR A 634 -12.94 21.83 11.93
C THR A 634 -13.11 21.89 13.44
N ASP A 635 -12.77 20.80 14.11
CA ASP A 635 -12.77 20.70 15.60
C ASP A 635 -11.51 19.89 15.93
N LEU A 636 -11.12 19.82 17.17
CA LEU A 636 -9.91 19.06 17.57
C LEU A 636 -10.22 17.56 17.58
N HIS A 637 -11.50 17.17 17.65
CA HIS A 637 -11.99 15.79 17.94
C HIS A 637 -11.90 14.93 16.68
N THR A 638 -11.95 15.56 15.50
CA THR A 638 -12.07 14.87 14.20
C THR A 638 -11.27 15.59 13.12
N ILE A 639 -11.19 14.96 11.95
CA ILE A 639 -10.74 15.60 10.69
C ILE A 639 -11.86 15.44 9.69
N PRO A 640 -11.98 16.40 8.76
CA PRO A 640 -13.08 16.37 7.80
C PRO A 640 -13.10 15.11 6.92
N VAL A 641 -14.22 14.39 6.99
CA VAL A 641 -14.52 13.17 6.19
C VAL A 641 -15.96 13.29 5.67
N LEU A 642 -16.12 13.13 4.38
CA LEU A 642 -17.43 13.14 3.70
C LEU A 642 -17.70 11.73 3.18
N VAL A 643 -18.97 11.33 3.24
CA VAL A 643 -19.42 10.02 2.70
C VAL A 643 -20.17 10.31 1.41
N LYS A 644 -19.87 9.53 0.39
CA LYS A 644 -20.55 9.56 -0.92
C LYS A 644 -21.99 9.04 -0.76
N ALA A 645 -22.99 9.79 -1.22
CA ALA A 645 -24.36 9.23 -1.43
C ALA A 645 -24.23 7.88 -2.11
N GLY A 646 -24.94 6.88 -1.59
CA GLY A 646 -25.00 5.51 -2.15
C GLY A 646 -24.05 4.55 -1.46
N ALA A 647 -23.25 5.06 -0.51
CA ALA A 647 -22.27 4.27 0.26
C ALA A 647 -23.02 3.31 1.18
N PHE A 648 -22.47 2.12 1.36
CA PHE A 648 -22.76 1.17 2.45
C PHE A 648 -21.52 1.13 3.34
N MET A 649 -21.63 1.64 4.57
CA MET A 649 -20.53 1.65 5.56
C MET A 649 -20.84 0.57 6.59
N PRO A 650 -20.08 -0.55 6.56
CA PRO A 650 -20.28 -1.67 7.48
C PRO A 650 -19.44 -1.55 8.74
N TYR A 651 -20.03 -1.87 9.89
CA TYR A 651 -19.33 -1.89 11.18
C TYR A 651 -19.64 -3.21 11.91
N VAL A 652 -18.66 -3.62 12.71
CA VAL A 652 -18.77 -4.70 13.72
C VAL A 652 -18.46 -4.05 15.05
N PRO A 653 -18.84 -4.73 16.15
CA PRO A 653 -18.46 -4.22 17.45
C PRO A 653 -16.93 -4.17 17.58
N ALA A 654 -16.45 -3.17 18.33
CA ALA A 654 -15.03 -2.95 18.64
C ALA A 654 -14.54 -4.15 19.43
N VAL A 655 -13.37 -4.68 19.08
CA VAL A 655 -12.64 -5.69 19.88
C VAL A 655 -11.27 -5.10 20.24
N SER A 656 -10.63 -5.66 21.25
CA SER A 656 -9.28 -5.24 21.70
C SER A 656 -8.22 -5.73 20.73
N THR A 657 -8.49 -6.85 20.07
CA THR A 657 -7.53 -7.53 19.17
C THR A 657 -8.32 -8.21 18.05
N THR A 658 -7.78 -8.21 16.84
CA THR A 658 -8.38 -8.91 15.69
C THR A 658 -8.47 -10.41 15.97
N GLU A 659 -7.76 -10.95 16.96
CA GLU A 659 -7.86 -12.41 17.28
C GLU A 659 -9.29 -12.70 17.75
N ASP A 660 -10.00 -11.68 18.26
CA ASP A 660 -11.39 -11.79 18.79
C ASP A 660 -12.41 -11.32 17.78
N TYR A 661 -12.00 -10.97 16.57
CA TYR A 661 -12.93 -10.44 15.53
C TYR A 661 -14.12 -11.39 15.34
N ARG A 662 -15.34 -10.85 15.33
CA ARG A 662 -16.58 -11.57 14.93
C ARG A 662 -17.46 -10.60 14.17
N SER A 663 -18.18 -11.07 13.16
CA SER A 663 -19.23 -10.32 12.46
C SER A 663 -20.61 -10.96 12.72
N ASP A 664 -20.78 -11.62 13.86
CA ASP A 664 -22.11 -12.12 14.32
C ASP A 664 -23.12 -10.96 14.38
N SER A 665 -22.65 -9.80 14.81
CA SER A 665 -23.37 -8.51 14.81
C SER A 665 -22.81 -7.58 13.73
N LEU A 666 -23.62 -7.22 12.75
CA LEU A 666 -23.27 -6.23 11.72
C LEU A 666 -24.12 -4.97 11.92
N GLU A 667 -23.54 -3.80 11.67
CA GLU A 667 -24.29 -2.54 11.60
C GLU A 667 -23.86 -1.86 10.31
N ILE A 668 -24.81 -1.62 9.43
CA ILE A 668 -24.51 -1.11 8.08
C ILE A 668 -25.26 0.18 7.90
N HIS A 669 -24.55 1.24 7.50
CA HIS A 669 -25.15 2.57 7.30
C HIS A 669 -25.17 2.86 5.82
N TYR A 670 -26.36 3.06 5.27
CA TYR A 670 -26.59 3.31 3.85
C TYR A 670 -26.99 4.78 3.69
N TYR A 671 -26.27 5.50 2.82
CA TYR A 671 -26.44 6.97 2.64
C TYR A 671 -27.34 7.22 1.43
N ALA A 672 -28.64 7.36 1.69
CA ALA A 672 -29.65 7.38 0.62
C ALA A 672 -29.76 8.78 0.04
N ASP A 673 -29.92 8.83 -1.28
CA ASP A 673 -30.27 10.08 -1.99
C ASP A 673 -30.83 9.71 -3.37
N ALA A 674 -31.90 10.37 -3.81
CA ALA A 674 -32.58 10.02 -5.08
C ALA A 674 -31.63 10.26 -6.27
N SER A 675 -30.57 11.05 -6.10
CA SER A 675 -29.53 11.26 -7.12
C SER A 675 -28.80 9.96 -7.43
N VAL A 676 -28.87 8.94 -6.54
CA VAL A 676 -28.16 7.65 -6.76
C VAL A 676 -29.21 6.55 -6.82
N PRO A 677 -29.77 6.30 -8.02
CA PRO A 677 -30.86 5.34 -8.19
C PRO A 677 -30.42 3.88 -8.08
N LEU A 678 -29.12 3.65 -8.12
CA LEU A 678 -28.48 2.30 -8.09
C LEU A 678 -27.18 2.41 -7.31
N ALA A 679 -26.96 1.52 -6.33
CA ALA A 679 -25.74 1.48 -5.51
C ALA A 679 -25.44 0.06 -5.07
N GLN A 680 -24.15 -0.26 -4.95
CA GLN A 680 -23.70 -1.60 -4.54
C GLN A 680 -22.63 -1.48 -3.47
N GLY A 681 -22.62 -2.44 -2.57
CA GLY A 681 -21.57 -2.57 -1.56
C GLY A 681 -21.19 -4.03 -1.48
N GLU A 682 -20.03 -4.30 -0.87
CA GLU A 682 -19.64 -5.69 -0.56
C GLU A 682 -18.84 -5.66 0.72
N ILE A 683 -18.95 -6.76 1.45
CA ILE A 683 -18.16 -7.08 2.66
C ILE A 683 -17.54 -8.45 2.38
N PHE A 684 -16.22 -8.45 2.29
CA PHE A 684 -15.39 -9.67 2.20
C PHE A 684 -15.07 -10.18 3.61
N GLU A 685 -15.48 -11.41 3.92
CA GLU A 685 -15.17 -12.06 5.21
C GLU A 685 -14.47 -13.38 4.93
N ASP A 686 -13.37 -13.63 5.64
CA ASP A 686 -12.74 -14.97 5.67
C ASP A 686 -12.20 -15.19 7.07
N ASP A 687 -11.32 -16.17 7.28
CA ASP A 687 -10.82 -16.44 8.67
C ASP A 687 -9.76 -15.41 9.09
N GLY A 688 -9.44 -14.44 8.26
CA GLY A 688 -8.44 -13.40 8.59
C GLY A 688 -7.00 -13.89 8.59
N LYS A 689 -6.74 -15.16 8.21
CA LYS A 689 -5.38 -15.72 8.36
C LYS A 689 -4.94 -16.63 7.22
N ASP A 690 -5.85 -17.28 6.50
CA ASP A 690 -5.50 -18.35 5.52
C ASP A 690 -4.96 -17.72 4.23
N PRO A 691 -3.70 -17.98 3.82
CA PRO A 691 -3.16 -17.30 2.65
C PRO A 691 -3.83 -17.80 1.35
N ASN A 692 -4.54 -18.94 1.41
CA ASN A 692 -5.22 -19.58 0.25
C ASN A 692 -6.74 -19.29 0.22
N SER A 693 -7.27 -18.43 1.10
CA SER A 693 -8.74 -18.21 1.21
C SER A 693 -9.32 -17.77 -0.14
N ILE A 694 -8.73 -16.80 -0.84
CA ILE A 694 -9.32 -16.25 -2.08
C ILE A 694 -9.25 -17.32 -3.18
N LYS A 695 -8.05 -17.83 -3.45
CA LYS A 695 -7.74 -18.89 -4.45
C LYS A 695 -8.74 -20.07 -4.29
N ARG A 696 -8.95 -20.57 -3.08
CA ARG A 696 -9.81 -21.74 -2.77
C ARG A 696 -11.28 -21.35 -2.47
N ASN A 697 -11.64 -20.09 -2.67
CA ASN A 697 -13.01 -19.54 -2.41
C ASN A 697 -13.50 -19.86 -1.00
N GLN A 698 -12.60 -19.91 -0.01
CA GLN A 698 -12.93 -20.15 1.42
C GLN A 698 -13.24 -18.81 2.07
N PHE A 699 -14.30 -18.19 1.60
CA PHE A 699 -14.72 -16.86 2.06
C PHE A 699 -16.24 -16.73 1.94
N ASP A 700 -16.70 -15.66 2.56
CA ASP A 700 -18.13 -15.24 2.63
C ASP A 700 -18.16 -13.83 2.07
N LEU A 701 -18.62 -13.67 0.83
CA LEU A 701 -18.67 -12.35 0.19
C LEU A 701 -20.12 -11.88 0.23
N LEU A 702 -20.39 -10.91 1.11
CA LEU A 702 -21.73 -10.29 1.26
C LEU A 702 -21.87 -9.20 0.21
N THR A 703 -22.97 -9.15 -0.51
CA THR A 703 -23.28 -8.06 -1.46
C THR A 703 -24.58 -7.41 -1.06
N LEU A 704 -24.61 -6.09 -1.21
CA LEU A 704 -25.81 -5.28 -0.98
C LEU A 704 -26.03 -4.45 -2.23
N GLN A 705 -27.25 -4.45 -2.72
CA GLN A 705 -27.65 -3.56 -3.83
C GLN A 705 -28.87 -2.76 -3.39
N ALA A 706 -28.82 -1.45 -3.56
CA ALA A 706 -29.93 -0.52 -3.33
C ALA A 706 -30.48 -0.06 -4.68
N THR A 707 -31.80 -0.06 -4.82
CA THR A 707 -32.55 0.52 -5.97
C THR A 707 -33.45 1.62 -5.40
N HIS A 708 -33.18 2.85 -5.78
CA HIS A 708 -33.85 4.02 -5.19
C HIS A 708 -34.65 4.71 -6.31
N THR A 709 -35.99 4.59 -6.28
CA THR A 709 -36.92 5.26 -7.23
C THR A 709 -37.74 6.28 -6.47
N ASP A 710 -38.66 6.95 -7.16
CA ASP A 710 -39.49 8.04 -6.57
C ASP A 710 -40.32 7.45 -5.43
N ASN A 711 -40.83 6.23 -5.55
CA ASN A 711 -41.78 5.72 -4.52
C ASN A 711 -41.22 4.52 -3.74
N GLN A 712 -40.04 4.03 -4.05
CA GLN A 712 -39.57 2.78 -3.41
C GLN A 712 -38.05 2.84 -3.15
N LEU A 713 -37.61 2.14 -2.10
CA LEU A 713 -36.17 1.90 -1.85
C LEU A 713 -36.05 0.42 -1.54
N HIS A 714 -35.38 -0.31 -2.41
CA HIS A 714 -35.29 -1.78 -2.40
C HIS A 714 -33.83 -2.18 -2.15
N PHE A 715 -33.57 -3.06 -1.19
CA PHE A 715 -32.23 -3.62 -0.93
C PHE A 715 -32.24 -5.11 -1.21
N GLN A 716 -31.29 -5.57 -2.03
CA GLN A 716 -31.02 -7.00 -2.29
C GLN A 716 -29.74 -7.42 -1.59
N LEU A 717 -29.84 -8.37 -0.67
CA LEU A 717 -28.70 -8.90 0.08
C LEU A 717 -28.47 -10.37 -0.33
N ALA A 718 -27.19 -10.73 -0.51
CA ALA A 718 -26.75 -12.08 -0.93
C ALA A 718 -25.36 -12.39 -0.38
N ARG A 719 -25.01 -13.66 -0.36
CA ARG A 719 -23.69 -14.14 0.07
C ARG A 719 -23.22 -15.16 -0.97
N THR A 720 -21.97 -15.06 -1.42
CA THR A 720 -21.28 -16.10 -2.22
C THR A 720 -20.02 -16.58 -1.51
N GLY A 721 -19.38 -17.60 -2.07
CA GLY A 721 -18.19 -18.27 -1.56
C GLY A 721 -18.57 -19.51 -0.81
N LYS A 722 -17.59 -20.35 -0.50
CA LYS A 722 -17.84 -21.67 0.12
C LYS A 722 -17.85 -21.52 1.63
N GLY A 723 -17.64 -20.30 2.12
CA GLY A 723 -17.57 -20.06 3.57
C GLY A 723 -16.25 -20.53 4.09
N TYR A 724 -16.13 -20.61 5.41
CA TYR A 724 -14.86 -20.88 6.12
C TYR A 724 -15.25 -21.34 7.50
N ARG A 725 -14.33 -21.97 8.21
CA ARG A 725 -14.57 -22.54 9.56
C ARG A 725 -14.83 -21.37 10.52
N GLY A 726 -15.92 -21.44 11.29
CA GLY A 726 -16.33 -20.40 12.26
C GLY A 726 -17.14 -19.26 11.64
N MET A 727 -17.37 -19.26 10.33
CA MET A 727 -18.24 -18.29 9.64
C MET A 727 -19.62 -18.33 10.32
N PRO A 728 -20.21 -17.22 10.77
CA PRO A 728 -21.59 -17.25 11.26
C PRO A 728 -22.61 -17.61 10.16
N GLU A 729 -23.52 -18.54 10.44
CA GLU A 729 -24.61 -18.86 9.49
C GLU A 729 -25.52 -17.64 9.40
N ARG A 730 -25.83 -17.02 10.53
CA ARG A 730 -26.83 -15.94 10.62
C ARG A 730 -26.22 -14.74 11.35
N ARG A 731 -26.25 -13.57 10.71
CA ARG A 731 -25.76 -12.32 11.30
C ARG A 731 -26.96 -11.43 11.67
N ALA A 732 -26.99 -11.02 12.93
CA ALA A 732 -27.89 -9.95 13.42
C ALA A 732 -27.44 -8.65 12.74
N THR A 733 -28.30 -8.11 11.91
CA THR A 733 -28.01 -6.95 11.06
C THR A 733 -28.88 -5.75 11.44
N THR A 734 -28.25 -4.62 11.72
CA THR A 734 -28.93 -3.31 11.86
C THR A 734 -28.59 -2.47 10.64
N LEU A 735 -29.55 -2.19 9.77
CA LEU A 735 -29.34 -1.35 8.57
C LEU A 735 -29.89 0.05 8.86
N VAL A 736 -29.03 1.06 8.87
CA VAL A 736 -29.42 2.45 9.23
C VAL A 736 -29.43 3.26 7.95
N ILE A 737 -30.58 3.74 7.53
CA ILE A 737 -30.71 4.48 6.26
C ILE A 737 -30.72 5.96 6.60
N HIS A 738 -29.64 6.64 6.19
CA HIS A 738 -29.42 8.09 6.37
C HIS A 738 -30.18 8.79 5.24
N ASN A 739 -30.74 9.95 5.58
CA ASN A 739 -31.47 10.81 4.62
C ASN A 739 -32.70 10.04 4.08
N ALA A 740 -33.25 9.11 4.87
CA ALA A 740 -34.44 8.32 4.48
C ALA A 740 -35.67 9.23 4.33
N SER A 741 -36.47 8.99 3.29
CA SER A 741 -37.77 9.67 3.07
C SER A 741 -38.63 9.45 4.31
N ASP A 742 -39.37 10.48 4.73
CA ASP A 742 -40.37 10.37 5.81
C ASP A 742 -41.72 9.84 5.26
N GLN A 743 -41.80 9.49 3.97
N GLN A 743 -41.80 9.49 3.97
CA GLN A 743 -43.05 9.04 3.32
CA GLN A 743 -43.05 9.04 3.32
C GLN A 743 -43.15 7.52 3.21
C GLN A 743 -43.17 7.51 3.24
N TYR A 744 -42.17 6.73 3.65
CA TYR A 744 -42.27 5.25 3.62
C TYR A 744 -43.21 4.81 4.76
N GLN A 745 -44.23 4.02 4.44
CA GLN A 745 -45.19 3.47 5.44
C GLN A 745 -44.94 1.97 5.71
N HIS A 746 -44.55 1.22 4.69
CA HIS A 746 -44.50 -0.26 4.78
C HIS A 746 -43.13 -0.73 4.27
N LEU A 747 -42.61 -1.71 5.01
CA LEU A 747 -41.45 -2.55 4.69
C LEU A 747 -41.93 -3.97 4.39
N ASP A 748 -41.60 -4.50 3.21
N ASP A 748 -41.52 -4.56 3.27
CA ASP A 748 -41.60 -5.97 2.89
CA ASP A 748 -41.72 -6.02 3.05
C ASP A 748 -40.21 -6.53 3.23
C ASP A 748 -40.33 -6.68 3.04
N ILE A 749 -40.13 -7.65 3.93
CA ILE A 749 -38.88 -8.45 4.04
C ILE A 749 -39.20 -9.84 3.50
N ASN A 750 -38.75 -10.13 2.27
CA ASN A 750 -39.01 -11.38 1.54
C ASN A 750 -40.54 -11.59 1.43
N GLY A 751 -41.29 -10.54 1.11
CA GLY A 751 -42.75 -10.61 0.85
C GLY A 751 -43.59 -10.38 2.11
N LYS A 752 -43.01 -10.52 3.29
CA LYS A 752 -43.71 -10.29 4.58
C LYS A 752 -43.70 -8.81 4.99
N THR A 753 -44.90 -8.25 5.06
CA THR A 753 -45.14 -6.81 5.32
C THR A 753 -44.99 -6.54 6.81
N ILE A 754 -44.23 -5.49 7.17
CA ILE A 754 -43.94 -5.03 8.56
C ILE A 754 -44.25 -3.53 8.59
N ALA A 755 -44.98 -3.04 9.60
CA ALA A 755 -45.26 -1.59 9.76
C ALA A 755 -43.96 -0.90 10.17
N ILE A 756 -43.72 0.31 9.65
CA ILE A 756 -42.60 1.17 10.12
C ILE A 756 -43.10 2.02 11.31
N ALA A 757 -42.57 1.79 12.51
CA ALA A 757 -42.80 2.67 13.70
C ALA A 757 -42.20 4.07 13.42
N GLN A 758 -42.78 5.12 14.02
CA GLN A 758 -42.39 6.54 13.77
C GLN A 758 -42.12 7.21 15.10
N ALA A 759 -41.85 6.42 16.15
CA ALA A 759 -41.58 6.97 17.48
C ALA A 759 -40.71 5.97 18.25
N ASP A 760 -39.95 6.50 19.22
CA ASP A 760 -39.30 5.66 20.25
C ASP A 760 -38.35 4.63 19.61
N CYS A 761 -37.72 4.94 18.48
CA CYS A 761 -36.88 3.95 17.74
C CYS A 761 -35.67 3.52 18.58
N ALA A 762 -35.07 4.48 19.28
CA ALA A 762 -33.89 4.22 20.14
C ALA A 762 -34.34 3.45 21.40
N SER A 763 -35.65 3.38 21.70
CA SER A 763 -36.18 2.97 23.04
C SER A 763 -37.12 1.74 22.98
N THR A 764 -37.31 1.13 21.80
CA THR A 764 -38.02 -0.15 21.60
C THR A 764 -37.16 -1.09 20.77
N PRO A 765 -37.36 -2.44 20.93
CA PRO A 765 -36.76 -3.47 20.05
C PRO A 765 -37.46 -3.53 18.68
N ALA A 766 -37.61 -2.33 18.12
CA ALA A 766 -38.26 -2.05 16.82
C ALA A 766 -37.55 -2.84 15.72
N LEU A 767 -38.33 -3.45 14.83
CA LEU A 767 -37.75 -4.14 13.65
C LEU A 767 -37.66 -3.12 12.50
N ALA A 768 -38.54 -2.14 12.45
CA ALA A 768 -38.43 -1.01 11.51
C ALA A 768 -38.92 0.26 12.19
N CYS A 769 -38.05 1.26 12.33
CA CYS A 769 -38.39 2.52 13.02
C CYS A 769 -37.70 3.72 12.36
N TYR A 770 -38.50 4.75 12.10
CA TYR A 770 -38.05 6.03 11.52
C TYR A 770 -37.90 7.05 12.64
N ASP A 771 -36.70 7.56 12.78
CA ASP A 771 -36.34 8.72 13.61
C ASP A 771 -36.50 9.99 12.77
N GLN A 772 -37.60 10.73 12.96
CA GLN A 772 -37.94 11.93 12.14
C GLN A 772 -36.90 13.05 12.37
N GLU A 773 -36.45 13.21 13.61
CA GLU A 773 -35.45 14.24 14.01
C GLU A 773 -34.14 13.99 13.24
N ARG A 774 -33.70 12.74 13.08
CA ARG A 774 -32.39 12.43 12.43
C ARG A 774 -32.56 12.05 10.96
N ARG A 775 -33.79 11.89 10.45
CA ARG A 775 -34.03 11.41 9.07
C ARG A 775 -33.33 10.05 8.85
N GLN A 776 -33.33 9.19 9.88
CA GLN A 776 -32.76 7.82 9.84
C GLN A 776 -33.87 6.77 9.96
N LEU A 777 -33.89 5.83 9.03
CA LEU A 777 -34.79 4.64 9.04
C LEU A 777 -33.97 3.41 9.39
N GLN A 778 -34.24 2.83 10.56
CA GLN A 778 -33.48 1.68 11.11
C GLN A 778 -34.27 0.37 10.89
N LEU A 779 -33.66 -0.61 10.21
CA LEU A 779 -34.22 -1.98 9.98
C LEU A 779 -33.33 -2.96 10.72
N VAL A 780 -33.90 -3.80 11.57
CA VAL A 780 -33.14 -4.84 12.33
C VAL A 780 -33.69 -6.20 11.87
N PHE A 781 -32.81 -7.08 11.44
CA PHE A 781 -33.18 -8.40 10.86
C PHE A 781 -32.03 -9.39 10.97
N THR A 782 -32.31 -10.61 10.52
CA THR A 782 -31.38 -11.75 10.53
C THR A 782 -30.94 -11.93 9.09
N TRP A 783 -29.63 -11.86 8.84
CA TRP A 783 -29.05 -12.10 7.51
C TRP A 783 -28.41 -13.48 7.49
N GLY A 784 -29.15 -14.44 6.96
CA GLY A 784 -28.67 -15.82 6.88
C GLY A 784 -28.10 -16.08 5.51
N ARG A 785 -28.00 -17.35 5.11
CA ARG A 785 -27.22 -17.70 3.89
C ARG A 785 -28.07 -17.50 2.63
N GLU A 786 -29.38 -17.45 2.77
CA GLU A 786 -30.29 -17.24 1.62
C GLU A 786 -30.45 -15.74 1.31
N ALA A 787 -30.74 -15.47 0.04
CA ALA A 787 -30.99 -14.12 -0.48
C ALA A 787 -32.12 -13.47 0.34
N LEU A 788 -31.98 -12.18 0.60
CA LEU A 788 -32.90 -11.36 1.42
C LEU A 788 -33.22 -10.12 0.59
N ASN A 789 -34.48 -9.79 0.44
CA ASN A 789 -34.93 -8.55 -0.22
C ASN A 789 -35.70 -7.72 0.81
N LEU A 790 -35.33 -6.46 0.97
CA LEU A 790 -36.02 -5.51 1.85
C LEU A 790 -36.60 -4.43 0.95
N ARG A 791 -37.91 -4.19 1.02
CA ARG A 791 -38.58 -3.27 0.08
C ARG A 791 -39.31 -2.21 0.90
N LEU A 792 -38.91 -0.93 0.82
CA LEU A 792 -39.65 0.18 1.44
C LEU A 792 -40.49 0.82 0.33
N HIS A 793 -41.76 1.15 0.57
CA HIS A 793 -42.70 1.76 -0.40
C HIS A 793 -43.52 2.87 0.29
N LYS A 794 -43.82 3.94 -0.46
CA LYS A 794 -44.62 5.11 0.00
C LYS A 794 -46.12 4.77 -0.06
C1 EDO B . 24.56 -6.81 -15.63
O1 EDO B . 23.46 -6.10 -16.22
C2 EDO B . 25.83 -6.04 -15.46
O2 EDO B . 25.68 -4.61 -15.36
H11 EDO B . 24.77 -7.59 -16.18
H12 EDO B . 24.29 -7.11 -14.72
HO1 EDO B . 22.78 -6.61 -16.26
H21 EDO B . 26.41 -6.21 -16.23
H22 EDO B . 26.28 -6.33 -14.64
HO2 EDO B . 24.86 -4.42 -15.43
O1 PG4 C . -21.13 3.11 16.25
C1 PG4 C . -21.75 2.68 15.04
C2 PG4 C . -21.73 3.69 13.89
O2 PG4 C . -20.79 4.75 14.11
C3 PG4 C . -19.62 4.71 13.30
C4 PG4 C . -19.47 5.88 12.36
O3 PG4 C . -19.82 7.13 12.94
C5 PG4 C . -18.71 7.88 13.43
C6 PG4 C . -18.22 7.25 14.71
O4 PG4 C . -17.39 8.17 15.42
C7 PG4 C . -16.88 7.64 16.65
C8 PG4 C . -15.66 8.42 17.10
O5 PG4 C . -15.88 9.82 17.26
HO1 PG4 C . -21.20 2.49 16.83
H11 PG4 C . -22.70 2.49 15.20
H12 PG4 C . -21.30 1.87 14.70
H21 PG4 C . -22.61 4.09 13.79
H22 PG4 C . -21.46 3.24 13.06
H31 PG4 C . -19.63 3.90 12.75
H32 PG4 C . -18.83 4.71 13.87
H41 PG4 C . -20.06 5.75 11.59
H42 PG4 C . -18.54 5.95 12.06
H51 PG4 C . -19.00 8.80 13.62
H52 PG4 C . -18.00 7.89 12.77
H61 PG4 C . -17.69 6.45 14.50
H62 PG4 C . -18.97 7.00 15.27
H71 PG4 C . -16.63 6.70 16.53
H72 PG4 C . -17.56 7.71 17.34
H81 PG4 C . -14.95 8.31 16.43
H82 PG4 C . -15.36 8.06 17.96
HO5 PG4 C . -16.69 10.00 17.08
C1 OXL D . -37.07 10.89 -1.15
C2 OXL D . -37.79 11.93 -0.17
O1 OXL D . -37.71 10.08 -1.79
O2 OXL D . -37.09 12.82 0.23
O3 OXL D . -35.86 10.96 -1.22
O4 OXL D . -38.98 11.77 0.20
C1 EDO E . 20.82 7.77 11.00
O1 EDO E . 22.11 7.95 10.51
C2 EDO E . 20.76 7.99 12.47
O2 EDO E . 20.30 9.29 12.75
H11 EDO E . 20.52 6.86 10.81
H12 EDO E . 20.22 8.42 10.57
HO1 EDO E . 22.11 7.82 9.67
H21 EDO E . 21.67 7.87 12.84
H22 EDO E . 20.15 7.34 12.86
HO2 EDO E . 20.15 9.69 12.02
O1 56I F . 17.89 5.23 13.52
C1 56I F . 13.30 3.48 12.13
C2 56I F . 13.95 2.76 13.25
C3 56I F . 15.45 3.10 13.33
C4 56I F . 16.12 3.04 11.93
C5 56I F . 15.24 2.47 10.82
O19 56I F . 18.98 3.83 11.98
S15 56I F . 18.03 4.89 12.10
O18 56I F . 18.24 6.04 11.26
N10 56I F . 16.60 4.36 11.52
C8 56I F . 16.20 2.28 14.37
O9 56I F . 16.08 0.88 14.12
O11 56I F . 13.26 3.06 14.48
O12 56I F . 11.87 3.35 12.19
C7 56I F . 13.79 2.94 10.79
O13 56I F . 13.55 3.93 9.78
H1 56I F . 13.52 4.44 12.20
H2 56I F . 13.85 1.77 13.12
H3 56I F . 15.51 4.04 13.63
H4 56I F . 16.91 2.45 12.04
H5 56I F . 15.67 2.70 9.95
H7 56I F . 16.22 4.95 10.98
H8 56I F . 15.84 2.48 15.27
H9 56I F . 17.15 2.53 14.37
H10 56I F . 16.51 0.45 14.72
H11 56I F . 13.82 3.37 15.02
H12 56I F . 11.66 2.87 12.85
H13 56I F . 13.22 2.17 10.53
H14 56I F . 13.19 4.61 10.14
S SO4 G . 12.29 -18.19 27.87
O1 SO4 G . 12.99 -17.58 26.77
O2 SO4 G . 12.06 -19.59 27.57
O3 SO4 G . 13.11 -18.08 29.04
O4 SO4 G . 11.04 -17.57 28.09
S SO4 H . 16.41 -12.38 -19.56
O1 SO4 H . 17.51 -11.87 -20.33
O2 SO4 H . 15.19 -12.13 -20.28
O3 SO4 H . 16.40 -11.69 -18.30
O4 SO4 H . 16.58 -13.80 -19.33
S SO4 I . -3.26 14.50 32.31
O1 SO4 I . -3.99 15.52 31.58
O2 SO4 I . -3.30 13.27 31.58
O3 SO4 I . -1.88 14.90 32.46
O4 SO4 I . -3.85 14.30 33.62
S SO4 J . -41.43 3.76 -8.57
O1 SO4 J . -40.92 4.64 -9.59
O2 SO4 J . -41.09 2.39 -8.90
O3 SO4 J . -40.87 4.10 -7.29
O4 SO4 J . -42.86 3.89 -8.49
S SO4 K . 19.36 6.61 26.72
O1 SO4 K . 20.39 7.48 27.21
O2 SO4 K . 19.05 6.95 25.36
O3 SO4 K . 19.84 5.25 26.80
O4 SO4 K . 18.19 6.74 27.55
S SO4 L . -30.34 19.73 -3.58
O1 SO4 L . -29.60 20.70 -4.34
O2 SO4 L . -31.73 19.77 -3.98
O3 SO4 L . -29.81 18.42 -3.81
O4 SO4 L . -30.26 20.04 -2.17
S SO4 M . 4.06 3.13 -43.39
O1 SO4 M . 4.76 2.31 -44.35
O2 SO4 M . 2.83 3.63 -43.95
O3 SO4 M . 3.77 2.36 -42.21
O4 SO4 M . 4.89 4.26 -43.03
S SO4 N . 37.33 -21.67 1.74
O1 SO4 N . 36.79 -21.16 0.50
O2 SO4 N . 38.78 -21.76 1.64
O3 SO4 N . 36.77 -23.00 1.98
O4 SO4 N . 36.97 -20.80 2.82
#